data_1M8E
#
_entry.id   1M8E
#
_cell.length_a   213.067
_cell.length_b   213.067
_cell.length_c   115.783
_cell.angle_alpha   90.00
_cell.angle_beta   90.00
_cell.angle_gamma   120.00
#
_symmetry.space_group_name_H-M   'P 61 2 2'
#
loop_
_entity.id
_entity.type
_entity.pdbx_description
1 polymer 'inducible Nitric oxide synthase'
2 non-polymer 'PROTOPORPHYRIN IX CONTAINING FE'
3 non-polymer 5,6,7,8-TETRAHYDROBIOPTERIN
4 non-polymer 7-NITROINDAZOLE
5 water water
#
_entity_poly.entity_id   1
_entity_poly.type   'polypeptide(L)'
_entity_poly.pdbx_seq_one_letter_code
;SLDKLHVTSTRPQYVRIKNWGSGEILHDTLHHKATSDFTCKSKSCLGSIMNPKSLTRGPRDKPTPLEELLPHAIEFINQY
YGSFKEAKIEEHLARLEAVTKEIETTGTYQLTLDELIFATKMAWRNAPRCIGRIQWSNLQVFDARNCSTAQEMFQHICRH
ILYATNNGNIRSAITVFPQRSDGKHDFRLWNSQLIRYAGYQMPDGTIRGDAATLEFTQLCIDLGWKPRYGRFDVLPLVLQ
ADGQDPEVFEIPPDLVLEVTMEHPKYEWFQELGLKWYALPAVANMLLEVGGLEFPACPFNGWYMGTEIGVRDFCDTQRYN
ILEEVGRRMGLETHTLASLWKDRAVTEINVAVLHSFQKQNVTIMDHHTASESFMKHMQNEYRARGGCPADWIWLVPPVSG
SITPVFHQEMLNYVLSPFYYYQIEPWKTHIWQNE
;
_entity_poly.pdbx_strand_id   A,B
#
loop_
_chem_comp.id
_chem_comp.type
_chem_comp.name
_chem_comp.formula
7NI non-polymer 7-NITROINDAZOLE 'C7 H5 N3 O2'
H4B non-polymer 5,6,7,8-TETRAHYDROBIOPTERIN 'C9 H15 N5 O3'
HEM non-polymer 'PROTOPORPHYRIN IX CONTAINING FE' 'C34 H32 Fe N4 O4'
#
# COMPACT_ATOMS: atom_id res chain seq x y z
N GLN A 13 34.34 5.83 -10.76
CA GLN A 13 33.60 5.73 -12.01
C GLN A 13 32.80 7.00 -12.31
N TYR A 14 31.98 7.41 -11.35
CA TYR A 14 31.14 8.62 -11.42
C TYR A 14 30.43 8.84 -10.09
N VAL A 15 30.40 10.10 -9.63
CA VAL A 15 29.74 10.43 -8.37
C VAL A 15 28.37 10.99 -8.64
N ARG A 16 27.38 10.51 -7.89
CA ARG A 16 25.98 10.93 -8.03
C ARG A 16 25.73 12.20 -7.22
N ILE A 17 24.96 13.11 -7.80
CA ILE A 17 24.66 14.38 -7.17
C ILE A 17 23.17 14.69 -7.28
N LYS A 18 22.55 15.05 -6.15
CA LYS A 18 21.12 15.32 -6.14
C LYS A 18 20.76 16.78 -5.89
N ASN A 19 19.80 17.25 -6.67
CA ASN A 19 19.28 18.60 -6.55
C ASN A 19 18.01 18.50 -5.72
N TRP A 20 18.17 18.55 -4.40
CA TRP A 20 17.05 18.42 -3.46
C TRP A 20 15.85 19.31 -3.75
N GLY A 21 15.99 20.19 -4.73
CA GLY A 21 14.89 21.06 -5.10
C GLY A 21 13.96 20.37 -6.08
N SER A 22 14.49 20.05 -7.26
CA SER A 22 13.72 19.38 -8.31
C SER A 22 13.86 17.87 -8.17
N GLY A 23 14.68 17.45 -7.22
CA GLY A 23 14.89 16.04 -6.98
C GLY A 23 15.83 15.39 -7.99
N GLU A 24 16.01 16.06 -9.13
CA GLU A 24 16.87 15.56 -10.20
C GLU A 24 18.24 15.05 -9.74
N ILE A 25 18.73 14.04 -10.46
CA ILE A 25 20.02 13.45 -10.16
C ILE A 25 21.00 13.67 -11.32
N LEU A 26 22.30 13.66 -11.00
CA LEU A 26 23.37 13.87 -11.97
C LEU A 26 24.60 13.03 -11.65
N HIS A 27 25.32 12.64 -12.69
CA HIS A 27 26.53 11.82 -12.53
C HIS A 27 27.75 12.65 -12.94
N ASP A 28 28.63 12.93 -11.99
CA ASP A 28 29.82 13.71 -12.28
C ASP A 28 30.98 12.82 -12.73
N THR A 29 31.40 13.01 -13.97
CA THR A 29 32.49 12.26 -14.57
C THR A 29 33.74 13.12 -14.68
N LEU A 30 33.52 14.41 -14.87
CA LEU A 30 34.58 15.40 -15.02
C LEU A 30 35.61 15.46 -13.89
N HIS A 31 35.18 15.24 -12.66
CA HIS A 31 36.09 15.31 -11.52
C HIS A 31 37.33 14.42 -11.61
N HIS A 32 37.28 13.44 -12.50
CA HIS A 32 38.40 12.52 -12.70
C HIS A 32 39.62 13.25 -13.24
N LYS A 33 39.38 14.30 -14.03
CA LYS A 33 40.44 15.09 -14.65
C LYS A 33 41.01 16.16 -13.70
N ALA A 34 40.75 15.99 -12.41
CA ALA A 34 41.25 16.93 -11.40
C ALA A 34 42.75 16.80 -11.22
N THR A 35 43.37 17.89 -10.78
CA THR A 35 44.82 17.93 -10.55
C THR A 35 45.21 17.26 -9.24
N SER A 36 44.44 17.53 -8.18
CA SER A 36 44.65 16.98 -6.83
C SER A 36 45.82 17.65 -6.09
N ASP A 37 45.59 17.96 -4.81
CA ASP A 37 46.57 18.61 -3.93
C ASP A 37 47.01 19.98 -4.41
N CYS A 45 36.46 17.71 -3.16
CA CYS A 45 35.82 18.07 -1.90
C CYS A 45 34.33 17.72 -1.94
N LEU A 46 33.90 16.97 -0.92
CA LEU A 46 32.51 16.53 -0.77
C LEU A 46 31.76 17.33 0.31
N GLY A 47 32.24 18.53 0.60
CA GLY A 47 31.63 19.39 1.61
C GLY A 47 30.18 19.79 1.36
N SER A 48 29.79 19.82 0.08
CA SER A 48 28.43 20.20 -0.32
C SER A 48 27.41 19.04 -0.30
N ILE A 49 27.87 17.84 0.06
CA ILE A 49 27.00 16.66 0.11
C ILE A 49 26.17 16.60 1.38
N MET A 50 24.95 16.12 1.22
CA MET A 50 23.98 16.00 2.31
C MET A 50 24.28 14.89 3.30
N ASN A 51 24.16 13.64 2.84
CA ASN A 51 24.40 12.47 3.69
C ASN A 51 25.64 11.69 3.24
N PRO A 52 26.84 12.24 3.49
CA PRO A 52 28.05 11.52 3.09
C PRO A 52 28.22 10.28 3.96
N LYS A 53 28.68 9.18 3.36
CA LYS A 53 28.88 7.92 4.09
C LYS A 53 29.81 8.07 5.30
N SER A 54 30.56 9.17 5.34
CA SER A 54 31.46 9.46 6.44
C SER A 54 30.71 9.92 7.67
N LEU A 55 29.49 10.41 7.45
CA LEU A 55 28.59 10.91 8.50
C LEU A 55 27.44 9.93 8.83
N THR A 56 27.49 8.74 8.24
CA THR A 56 26.49 7.70 8.44
C THR A 56 27.09 6.48 9.14
N ARG A 57 26.27 5.80 9.93
CA ARG A 57 26.70 4.60 10.67
C ARG A 57 25.62 3.54 10.48
N GLY A 58 25.83 2.74 9.43
CA GLY A 58 24.89 1.69 9.05
C GLY A 58 24.68 0.49 9.96
N PRO A 59 23.90 -0.49 9.49
CA PRO A 59 23.52 -1.73 10.15
C PRO A 59 24.68 -2.67 10.49
N ARG A 60 24.34 -3.73 11.22
CA ARG A 60 25.30 -4.74 11.64
C ARG A 60 24.71 -6.14 11.46
N ASP A 61 25.55 -7.15 11.67
CA ASP A 61 25.18 -8.58 11.56
C ASP A 61 25.92 -9.36 12.64
N LYS A 62 26.96 -8.75 13.19
CA LYS A 62 27.78 -9.36 14.22
C LYS A 62 28.11 -8.25 15.22
N PRO A 63 28.38 -8.61 16.47
CA PRO A 63 28.72 -7.61 17.48
C PRO A 63 30.00 -6.86 17.12
N THR A 64 30.38 -5.91 17.95
CA THR A 64 31.60 -5.16 17.72
C THR A 64 32.81 -5.95 18.22
N PRO A 65 33.71 -6.34 17.31
CA PRO A 65 34.93 -7.09 17.60
C PRO A 65 35.68 -6.49 18.79
N LEU A 66 35.78 -7.29 19.85
CA LEU A 66 36.41 -6.90 21.11
C LEU A 66 37.67 -6.08 20.99
N GLU A 67 38.46 -6.37 19.96
CA GLU A 67 39.72 -5.67 19.72
C GLU A 67 39.48 -4.21 19.37
N GLU A 68 38.32 -3.94 18.78
CA GLU A 68 37.97 -2.58 18.43
C GLU A 68 37.29 -1.90 19.60
N LEU A 69 36.39 -2.62 20.26
CA LEU A 69 35.63 -2.09 21.38
C LEU A 69 36.48 -1.64 22.56
N LEU A 70 37.41 -2.48 23.00
CA LEU A 70 38.25 -2.17 24.15
C LEU A 70 39.01 -0.85 24.06
N PRO A 71 39.65 -0.57 22.91
CA PRO A 71 40.39 0.70 22.77
C PRO A 71 39.50 1.93 22.92
N HIS A 72 38.38 1.94 22.18
CA HIS A 72 37.43 3.06 22.23
C HIS A 72 36.88 3.20 23.64
N ALA A 73 36.40 2.10 24.20
CA ALA A 73 35.86 2.10 25.55
C ALA A 73 36.83 2.73 26.54
N ILE A 74 38.10 2.32 26.46
CA ILE A 74 39.15 2.82 27.36
C ILE A 74 39.29 4.33 27.23
N GLU A 75 39.31 4.82 25.99
CA GLU A 75 39.45 6.26 25.71
C GLU A 75 38.34 7.07 26.37
N PHE A 76 37.10 6.63 26.14
CA PHE A 76 35.93 7.29 26.69
C PHE A 76 36.03 7.38 28.20
N ILE A 77 36.34 6.27 28.85
CA ILE A 77 36.46 6.27 30.30
C ILE A 77 37.51 7.28 30.78
N ASN A 78 38.46 7.60 29.90
CA ASN A 78 39.51 8.55 30.21
C ASN A 78 38.98 9.96 29.98
N GLN A 79 38.10 10.09 28.99
CA GLN A 79 37.51 11.38 28.66
C GLN A 79 36.58 11.78 29.81
N TYR A 80 35.69 10.86 30.18
CA TYR A 80 34.73 11.09 31.25
C TYR A 80 35.41 11.35 32.58
N TYR A 81 36.40 10.52 32.91
CA TYR A 81 37.08 10.68 34.17
C TYR A 81 38.04 11.85 34.19
N GLY A 82 38.52 12.21 33.02
CA GLY A 82 39.41 13.35 32.95
C GLY A 82 38.61 14.53 32.50
N SER A 83 37.36 14.59 32.97
CA SER A 83 36.45 15.65 32.59
C SER A 83 36.39 16.77 33.60
N PHE A 84 35.86 16.48 34.77
CA PHE A 84 35.73 17.46 35.85
C PHE A 84 37.01 17.86 36.54
N LYS A 85 36.96 18.98 37.25
CA LYS A 85 38.08 19.51 38.02
C LYS A 85 38.42 18.47 39.09
N GLU A 86 39.69 18.43 39.48
CA GLU A 86 40.20 17.48 40.48
C GLU A 86 39.66 16.07 40.26
N ALA A 87 40.41 15.29 39.48
CA ALA A 87 40.06 13.92 39.13
C ALA A 87 39.87 12.97 40.30
N LYS A 88 39.34 11.80 39.98
CA LYS A 88 39.10 10.78 40.98
C LYS A 88 39.83 9.53 40.48
N ILE A 89 41.15 9.63 40.44
CA ILE A 89 42.04 8.57 39.96
C ILE A 89 41.69 7.19 40.45
N GLU A 90 41.34 7.10 41.73
CA GLU A 90 40.97 5.83 42.34
C GLU A 90 39.84 5.21 41.52
N GLU A 91 38.78 5.99 41.33
CA GLU A 91 37.63 5.56 40.56
C GLU A 91 37.98 5.33 39.10
N HIS A 92 38.78 6.22 38.53
CA HIS A 92 39.19 6.12 37.13
C HIS A 92 39.76 4.73 36.81
N LEU A 93 40.89 4.41 37.43
CA LEU A 93 41.58 3.14 37.24
C LEU A 93 40.63 2.00 37.60
N ALA A 94 39.77 2.25 38.57
CA ALA A 94 38.79 1.27 39.01
C ALA A 94 37.78 1.02 37.89
N ARG A 95 37.22 2.10 37.35
CA ARG A 95 36.24 1.98 36.27
C ARG A 95 36.94 1.34 35.08
N LEU A 96 38.13 1.82 34.77
CA LEU A 96 38.89 1.26 33.65
C LEU A 96 38.92 -0.26 33.76
N GLU A 97 39.24 -0.75 34.96
CA GLU A 97 39.34 -2.18 35.23
C GLU A 97 37.97 -2.84 35.08
N ALA A 98 37.01 -2.34 35.85
CA ALA A 98 35.65 -2.86 35.85
C ALA A 98 35.05 -2.94 34.44
N VAL A 99 35.43 -1.99 33.60
CA VAL A 99 34.94 -1.92 32.22
C VAL A 99 35.58 -2.98 31.35
N THR A 100 36.90 -3.05 31.43
CA THR A 100 37.68 -4.01 30.66
C THR A 100 37.14 -5.42 30.92
N LYS A 101 37.02 -5.75 32.20
CA LYS A 101 36.54 -7.04 32.66
C LYS A 101 35.18 -7.36 32.08
N GLU A 102 34.24 -6.45 32.29
CA GLU A 102 32.89 -6.61 31.81
C GLU A 102 32.87 -6.93 30.32
N ILE A 103 33.74 -6.27 29.56
CA ILE A 103 33.81 -6.48 28.12
C ILE A 103 34.25 -7.89 27.77
N GLU A 104 35.30 -8.37 28.45
CA GLU A 104 35.83 -9.69 28.19
C GLU A 104 34.91 -10.83 28.66
N THR A 105 34.05 -10.52 29.64
CA THR A 105 33.13 -11.51 30.17
C THR A 105 31.76 -11.51 29.50
N THR A 106 31.27 -10.32 29.15
CA THR A 106 29.93 -10.19 28.54
C THR A 106 29.93 -9.95 27.04
N GLY A 107 30.98 -9.27 26.58
CA GLY A 107 31.12 -8.96 25.17
C GLY A 107 31.09 -7.46 24.99
N THR A 108 29.95 -6.87 25.36
CA THR A 108 29.76 -5.43 25.29
C THR A 108 29.85 -4.93 26.73
N TYR A 109 29.34 -3.73 26.99
CA TYR A 109 29.35 -3.19 28.36
C TYR A 109 28.34 -2.06 28.56
N GLN A 110 28.02 -1.77 29.82
CA GLN A 110 27.06 -0.75 30.17
C GLN A 110 27.69 0.51 30.73
N LEU A 111 27.18 1.65 30.30
CA LEU A 111 27.70 2.92 30.78
C LEU A 111 26.96 3.31 32.02
N THR A 112 27.68 3.86 33.00
CA THR A 112 27.03 4.31 34.20
C THR A 112 26.13 5.46 33.74
N LEU A 113 24.99 5.65 34.42
CA LEU A 113 24.06 6.72 34.05
C LEU A 113 24.79 8.04 33.82
N ASP A 114 25.76 8.35 34.69
CA ASP A 114 26.54 9.57 34.60
C ASP A 114 27.29 9.66 33.28
N GLU A 115 27.90 8.55 32.90
CA GLU A 115 28.65 8.48 31.66
C GLU A 115 27.73 8.75 30.48
N LEU A 116 26.54 8.13 30.50
CA LEU A 116 25.57 8.32 29.42
C LEU A 116 25.19 9.80 29.29
N ILE A 117 24.92 10.43 30.42
CA ILE A 117 24.58 11.85 30.44
C ILE A 117 25.72 12.62 29.79
N PHE A 118 26.94 12.32 30.21
CA PHE A 118 28.13 12.97 29.67
C PHE A 118 28.24 12.70 28.18
N ALA A 119 27.90 11.47 27.80
CA ALA A 119 27.96 11.05 26.42
C ALA A 119 27.05 11.87 25.52
N THR A 120 25.79 12.02 25.92
CA THR A 120 24.81 12.77 25.13
C THR A 120 25.20 14.24 24.95
N LYS A 121 25.56 14.89 26.05
CA LYS A 121 25.96 16.30 26.00
C LYS A 121 27.19 16.52 25.09
N MET A 122 28.16 15.60 25.18
CA MET A 122 29.36 15.68 24.35
C MET A 122 29.00 15.52 22.90
N ALA A 123 28.33 14.42 22.57
CA ALA A 123 27.95 14.16 21.19
C ALA A 123 27.24 15.35 20.56
N TRP A 124 26.41 16.04 21.36
CA TRP A 124 25.69 17.24 20.92
C TRP A 124 26.75 18.29 20.69
N ARG A 125 27.59 18.47 21.70
CA ARG A 125 28.70 19.41 21.67
C ARG A 125 29.55 19.19 20.41
N ASN A 126 29.68 17.94 20.00
CA ASN A 126 30.48 17.57 18.82
C ASN A 126 29.66 17.51 17.54
N ALA A 127 28.48 18.13 17.54
CA ALA A 127 27.63 18.13 16.36
C ALA A 127 27.94 19.35 15.52
N PRO A 128 28.75 19.16 14.47
CA PRO A 128 29.15 20.25 13.58
C PRO A 128 28.06 21.02 12.87
N ARG A 129 26.87 20.45 12.76
CA ARG A 129 25.79 21.10 12.06
C ARG A 129 24.82 21.86 12.96
N CYS A 130 24.92 21.65 14.26
CA CYS A 130 24.05 22.31 15.22
C CYS A 130 24.52 23.72 15.55
N ILE A 131 23.58 24.65 15.69
CA ILE A 131 23.94 26.04 16.00
C ILE A 131 23.59 26.43 17.42
N GLY A 132 22.86 25.57 18.11
CA GLY A 132 22.47 25.88 19.47
C GLY A 132 23.37 25.18 20.45
N ARG A 133 24.58 24.81 20.02
CA ARG A 133 25.50 24.09 20.90
C ARG A 133 25.94 24.83 22.15
N ILE A 134 25.60 26.10 22.26
CA ILE A 134 25.98 26.82 23.46
C ILE A 134 25.17 26.25 24.64
N GLN A 135 24.09 25.55 24.30
CA GLN A 135 23.20 24.93 25.27
C GLN A 135 23.60 23.50 25.64
N TRP A 136 24.65 23.00 25.00
CA TRP A 136 25.13 21.63 25.18
C TRP A 136 25.15 21.05 26.60
N SER A 137 25.30 21.91 27.60
CA SER A 137 25.31 21.40 28.95
C SER A 137 23.89 21.21 29.51
N ASN A 138 22.92 22.01 29.05
CA ASN A 138 21.54 21.90 29.55
C ASN A 138 20.74 20.92 28.68
N LEU A 139 20.74 19.67 29.11
CA LEU A 139 20.05 18.63 28.37
C LEU A 139 19.49 17.56 29.28
N GLN A 140 18.18 17.40 29.24
CA GLN A 140 17.52 16.38 30.02
C GLN A 140 17.75 15.01 29.36
N VAL A 141 18.14 14.04 30.18
CA VAL A 141 18.40 12.70 29.68
C VAL A 141 17.45 11.65 30.26
N PHE A 142 16.74 10.95 29.37
CA PHE A 142 15.82 9.91 29.80
C PHE A 142 16.40 8.54 29.49
N ASP A 143 16.77 7.84 30.55
CA ASP A 143 17.37 6.51 30.43
C ASP A 143 16.30 5.45 30.18
N ALA A 144 16.21 5.00 28.94
CA ALA A 144 15.24 3.97 28.59
C ALA A 144 15.97 2.72 28.08
N ARG A 145 17.20 2.55 28.54
CA ARG A 145 18.03 1.40 28.15
C ARG A 145 17.42 0.03 28.56
N ASN A 146 16.50 0.07 29.51
CA ASN A 146 15.82 -1.12 30.01
C ASN A 146 14.58 -1.46 29.17
N CYS A 147 14.18 -0.54 28.30
CA CYS A 147 13.00 -0.77 27.46
C CYS A 147 13.16 -2.07 26.67
N SER A 148 12.03 -2.62 26.20
CA SER A 148 12.10 -3.85 25.46
C SER A 148 10.98 -4.07 24.44
N THR A 149 9.92 -3.26 24.50
CA THR A 149 8.84 -3.42 23.52
C THR A 149 8.45 -2.11 22.82
N ALA A 150 7.67 -2.21 21.74
CA ALA A 150 7.26 -1.02 21.02
C ALA A 150 6.36 -0.17 21.88
N GLN A 151 5.35 -0.82 22.47
CA GLN A 151 4.40 -0.12 23.34
C GLN A 151 5.18 0.62 24.44
N GLU A 152 6.28 0.02 24.88
CA GLU A 152 7.08 0.64 25.92
C GLU A 152 7.82 1.85 25.37
N MET A 153 8.18 1.79 24.09
CA MET A 153 8.89 2.89 23.44
C MET A 153 7.93 4.06 23.35
N PHE A 154 6.76 3.80 22.78
CA PHE A 154 5.73 4.81 22.62
C PHE A 154 5.52 5.58 23.93
N GLN A 155 5.56 4.87 25.06
CA GLN A 155 5.39 5.51 26.35
C GLN A 155 6.53 6.44 26.68
N HIS A 156 7.75 5.95 26.50
CA HIS A 156 8.95 6.73 26.76
C HIS A 156 9.01 7.98 25.87
N ILE A 157 8.51 7.83 24.64
CA ILE A 157 8.49 8.91 23.68
C ILE A 157 7.49 9.97 24.07
N CYS A 158 6.32 9.51 24.53
CA CYS A 158 5.27 10.42 24.96
C CYS A 158 5.73 11.20 26.15
N ARG A 159 6.38 10.52 27.08
CA ARG A 159 6.89 11.19 28.26
C ARG A 159 7.87 12.28 27.83
N HIS A 160 8.65 11.94 26.80
CA HIS A 160 9.66 12.83 26.24
C HIS A 160 8.99 14.07 25.68
N ILE A 161 8.00 13.84 24.81
CA ILE A 161 7.27 14.94 24.22
C ILE A 161 6.66 15.83 25.29
N LEU A 162 6.05 15.22 26.29
CA LEU A 162 5.41 16.00 27.34
C LEU A 162 6.38 16.87 28.13
N TYR A 163 7.52 16.28 28.50
CA TYR A 163 8.56 16.98 29.25
C TYR A 163 9.12 18.09 28.37
N ALA A 164 9.55 17.70 27.17
CA ALA A 164 10.13 18.64 26.22
C ALA A 164 9.21 19.85 25.90
N THR A 165 7.95 19.58 25.56
CA THR A 165 7.00 20.65 25.23
C THR A 165 6.80 21.68 26.34
N ASN A 166 6.56 21.18 27.54
CA ASN A 166 6.39 21.98 28.74
C ASN A 166 5.52 23.22 28.58
N ASN A 167 4.38 23.02 27.92
CA ASN A 167 3.40 24.07 27.71
C ASN A 167 3.95 25.32 27.01
N GLY A 168 4.83 25.08 26.04
CA GLY A 168 5.41 26.20 25.32
C GLY A 168 6.83 26.53 25.74
N ASN A 169 7.17 26.37 27.01
CA ASN A 169 8.52 26.67 27.47
C ASN A 169 9.32 25.43 27.13
N ILE A 170 9.76 25.35 25.88
CA ILE A 170 10.49 24.18 25.40
C ILE A 170 11.76 23.87 26.19
N ARG A 171 11.94 22.59 26.47
CA ARG A 171 13.11 22.08 27.20
C ARG A 171 13.81 21.02 26.35
N SER A 172 15.13 21.12 26.22
CA SER A 172 15.91 20.19 25.44
C SER A 172 16.01 18.88 26.22
N ALA A 173 15.81 17.76 25.52
CA ALA A 173 15.85 16.45 26.14
C ALA A 173 16.18 15.39 25.12
N ILE A 174 16.63 14.24 25.63
CA ILE A 174 16.93 13.13 24.76
C ILE A 174 16.58 11.85 25.48
N THR A 175 15.92 10.92 24.79
CA THR A 175 15.59 9.63 25.37
C THR A 175 16.51 8.57 24.77
N VAL A 176 17.27 7.88 25.61
CA VAL A 176 18.18 6.85 25.13
C VAL A 176 17.61 5.45 25.28
N PHE A 177 17.39 4.78 24.16
CA PHE A 177 16.89 3.41 24.15
C PHE A 177 18.07 2.42 24.17
N PRO A 178 17.80 1.10 24.36
CA PRO A 178 18.85 0.07 24.40
C PRO A 178 19.84 0.11 23.24
N GLN A 179 21.14 0.09 23.58
CA GLN A 179 22.21 0.11 22.59
C GLN A 179 22.17 -1.07 21.65
N ARG A 180 22.95 -0.99 20.58
CA ARG A 180 22.98 -2.08 19.62
C ARG A 180 23.81 -3.22 20.22
N SER A 181 23.32 -4.44 20.03
CA SER A 181 24.02 -5.60 20.56
C SER A 181 24.70 -6.37 19.43
N ASP A 182 23.98 -7.30 18.83
CA ASP A 182 24.54 -8.10 17.75
C ASP A 182 24.35 -7.43 16.40
N GLY A 183 23.20 -6.79 16.23
CA GLY A 183 22.91 -6.12 14.98
C GLY A 183 21.49 -6.37 14.53
N LYS A 184 21.04 -7.62 14.63
CA LYS A 184 19.68 -7.99 14.24
C LYS A 184 18.69 -7.55 15.32
N HIS A 185 19.24 -7.08 16.44
CA HIS A 185 18.45 -6.60 17.59
C HIS A 185 18.65 -5.09 17.79
N ASP A 186 18.05 -4.32 16.89
CA ASP A 186 18.17 -2.87 16.95
C ASP A 186 16.88 -2.15 17.29
N PHE A 187 16.98 -1.16 18.16
CA PHE A 187 15.83 -0.33 18.50
C PHE A 187 15.90 0.84 17.52
N ARG A 188 14.81 1.13 16.80
CA ARG A 188 14.83 2.22 15.83
C ARG A 188 13.49 2.91 15.64
N LEU A 189 13.51 4.24 15.55
CA LEU A 189 12.32 5.04 15.29
C LEU A 189 12.39 5.23 13.79
N TRP A 190 11.31 4.94 13.08
CA TRP A 190 11.32 5.08 11.64
C TRP A 190 11.05 6.51 11.17
N ASN A 191 10.51 7.34 12.07
CA ASN A 191 10.19 8.72 11.72
C ASN A 191 11.46 9.55 11.61
N SER A 192 11.40 10.58 10.77
CA SER A 192 12.55 11.47 10.58
C SER A 192 12.67 12.28 11.87
N GLN A 193 11.52 12.65 12.44
CA GLN A 193 11.47 13.40 13.68
C GLN A 193 10.15 13.10 14.39
N LEU A 194 10.19 13.18 15.72
CA LEU A 194 9.04 12.91 16.55
C LEU A 194 7.71 13.42 15.97
N ILE A 195 7.51 14.72 15.89
CA ILE A 195 6.29 15.28 15.32
C ILE A 195 6.63 15.79 13.93
N ARG A 196 5.82 15.41 12.95
CA ARG A 196 6.03 15.79 11.57
C ARG A 196 4.68 15.66 10.86
N TYR A 197 4.44 16.48 9.85
CA TYR A 197 3.17 16.44 9.14
C TYR A 197 3.19 15.47 7.97
N ALA A 198 2.02 14.94 7.67
CA ALA A 198 1.87 13.99 6.58
C ALA A 198 1.71 14.68 5.25
N GLY A 199 2.19 13.99 4.22
CA GLY A 199 2.10 14.50 2.86
C GLY A 199 1.38 13.50 1.99
N TYR A 200 0.18 13.89 1.57
CA TYR A 200 -0.65 13.05 0.73
C TYR A 200 -0.68 13.50 -0.71
N GLN A 201 -0.57 12.53 -1.61
CA GLN A 201 -0.65 12.79 -3.04
C GLN A 201 -2.16 12.76 -3.36
N MET A 202 -2.73 13.90 -3.71
CA MET A 202 -4.16 13.97 -4.03
C MET A 202 -4.48 13.36 -5.41
N PRO A 203 -5.77 13.01 -5.64
CA PRO A 203 -6.26 12.42 -6.89
C PRO A 203 -6.04 13.35 -8.09
N ASP A 204 -6.42 14.61 -7.92
CA ASP A 204 -6.28 15.66 -8.94
C ASP A 204 -4.83 16.12 -9.19
N GLY A 205 -3.87 15.25 -8.86
CA GLY A 205 -2.45 15.55 -9.05
C GLY A 205 -1.75 16.39 -7.99
N THR A 206 -2.46 17.36 -7.40
CA THR A 206 -1.91 18.25 -6.37
C THR A 206 -1.40 17.48 -5.15
N ILE A 207 -0.41 18.05 -4.46
CA ILE A 207 0.14 17.41 -3.27
C ILE A 207 -0.23 18.21 -2.04
N ARG A 208 -0.97 17.58 -1.13
CA ARG A 208 -1.38 18.24 0.10
C ARG A 208 -0.48 17.85 1.26
N GLY A 209 -0.23 18.83 2.13
CA GLY A 209 0.60 18.62 3.30
C GLY A 209 2.08 18.82 3.06
N ASP A 210 2.90 18.05 3.77
CA ASP A 210 4.34 18.15 3.65
C ASP A 210 4.87 17.21 2.56
N ALA A 211 5.13 17.77 1.39
CA ALA A 211 5.64 17.01 0.25
C ALA A 211 6.88 16.17 0.56
N ALA A 212 7.63 16.62 1.56
CA ALA A 212 8.85 15.93 1.94
C ALA A 212 8.57 14.61 2.62
N THR A 213 7.38 14.46 3.19
CA THR A 213 7.02 13.21 3.87
C THR A 213 6.14 12.30 3.04
N LEU A 214 6.08 12.52 1.73
CA LEU A 214 5.26 11.72 0.82
C LEU A 214 5.47 10.21 0.92
N GLU A 215 6.71 9.80 0.71
CA GLU A 215 7.08 8.40 0.76
C GLU A 215 6.80 7.78 2.15
N PHE A 216 7.20 8.48 3.20
CA PHE A 216 6.97 7.97 4.54
C PHE A 216 5.49 7.90 4.90
N THR A 217 4.70 8.86 4.42
CA THR A 217 3.27 8.88 4.72
C THR A 217 2.64 7.62 4.17
N GLN A 218 3.15 7.19 3.02
CA GLN A 218 2.65 5.99 2.38
C GLN A 218 2.95 4.79 3.25
N LEU A 219 4.17 4.69 3.74
CA LEU A 219 4.57 3.58 4.59
C LEU A 219 3.60 3.45 5.77
N CYS A 220 3.20 4.58 6.33
CA CYS A 220 2.28 4.56 7.43
C CYS A 220 0.92 4.02 6.97
N ILE A 221 0.56 4.35 5.74
CA ILE A 221 -0.71 3.88 5.16
C ILE A 221 -0.63 2.36 5.04
N ASP A 222 0.46 1.90 4.42
CA ASP A 222 0.71 0.48 4.20
C ASP A 222 0.72 -0.30 5.50
N LEU A 223 1.12 0.35 6.60
CA LEU A 223 1.18 -0.31 7.90
C LEU A 223 -0.11 -0.23 8.69
N GLY A 224 -1.16 0.29 8.03
CA GLY A 224 -2.46 0.38 8.67
C GLY A 224 -2.94 1.73 9.17
N TRP A 225 -2.14 2.78 8.98
CA TRP A 225 -2.52 4.10 9.43
C TRP A 225 -3.59 4.69 8.52
N LYS A 226 -4.59 5.32 9.16
CA LYS A 226 -5.71 5.96 8.48
C LYS A 226 -5.43 7.43 8.17
N PRO A 227 -5.22 7.74 6.89
CA PRO A 227 -4.94 9.09 6.37
C PRO A 227 -6.15 10.01 6.46
N ARG A 228 -5.96 11.17 7.08
CA ARG A 228 -7.05 12.13 7.24
C ARG A 228 -7.00 13.24 6.19
N TYR A 229 -6.22 12.99 5.13
CA TYR A 229 -6.01 13.90 3.99
C TYR A 229 -6.18 15.39 4.27
N GLY A 230 -5.22 15.96 4.99
CA GLY A 230 -5.22 17.37 5.35
C GLY A 230 -3.86 18.01 5.18
N ARG A 231 -3.77 19.31 5.42
CA ARG A 231 -2.49 20.00 5.27
C ARG A 231 -1.57 19.83 6.44
N PHE A 232 -2.12 19.71 7.63
CA PHE A 232 -1.31 19.57 8.81
C PHE A 232 -1.69 18.38 9.67
N ASP A 233 -1.70 17.20 9.08
CA ASP A 233 -2.05 16.00 9.84
C ASP A 233 -0.79 15.37 10.42
N VAL A 234 -0.68 15.37 11.74
CA VAL A 234 0.48 14.79 12.41
C VAL A 234 0.63 13.29 12.17
N LEU A 235 1.78 12.92 11.61
CA LEU A 235 2.11 11.54 11.28
C LEU A 235 2.19 10.65 12.53
N PRO A 236 2.02 9.33 12.36
CA PRO A 236 2.08 8.37 13.47
C PRO A 236 3.50 7.98 13.81
N LEU A 237 3.66 7.53 15.03
CA LEU A 237 4.96 7.11 15.49
C LEU A 237 5.18 5.66 15.00
N VAL A 238 6.26 5.41 14.28
CA VAL A 238 6.54 4.07 13.77
C VAL A 238 7.76 3.54 14.47
N LEU A 239 7.57 2.72 15.50
CA LEU A 239 8.70 2.20 16.26
C LEU A 239 8.99 0.71 16.11
N GLN A 240 10.26 0.34 16.15
CA GLN A 240 10.66 -1.06 16.07
C GLN A 240 11.55 -1.33 17.26
N ALA A 241 11.10 -2.25 18.13
CA ALA A 241 11.85 -2.61 19.33
C ALA A 241 12.58 -3.96 19.18
N ASP A 242 13.67 -4.11 19.94
CA ASP A 242 14.51 -5.31 19.92
C ASP A 242 14.92 -5.58 18.48
N GLY A 243 14.15 -6.39 17.77
CA GLY A 243 14.50 -6.63 16.39
C GLY A 243 13.23 -6.69 15.57
N GLN A 244 12.11 -6.96 16.24
CA GLN A 244 10.79 -7.12 15.61
C GLN A 244 10.37 -6.02 14.65
N ASP A 245 9.35 -6.32 13.85
CA ASP A 245 8.82 -5.38 12.89
C ASP A 245 8.26 -4.14 13.58
N PRO A 246 8.25 -3.00 12.86
CA PRO A 246 7.74 -1.73 13.40
C PRO A 246 6.24 -1.69 13.63
N GLU A 247 5.85 -1.13 14.77
CA GLU A 247 4.43 -1.00 15.11
C GLU A 247 4.04 0.48 14.99
N VAL A 248 2.80 0.72 14.57
CA VAL A 248 2.30 2.08 14.41
C VAL A 248 1.47 2.58 15.58
N PHE A 249 1.81 3.76 16.09
CA PHE A 249 1.08 4.39 17.21
C PHE A 249 0.79 5.85 16.86
N GLU A 250 -0.43 6.31 17.12
CA GLU A 250 -0.75 7.71 16.84
C GLU A 250 -0.39 8.53 18.07
N ILE A 251 0.25 9.66 17.86
CA ILE A 251 0.65 10.53 18.96
C ILE A 251 -0.60 11.21 19.54
N PRO A 252 -0.77 11.14 20.86
CA PRO A 252 -1.92 11.77 21.51
C PRO A 252 -1.98 13.26 21.18
N PRO A 253 -3.04 13.68 20.49
CA PRO A 253 -3.23 15.08 20.10
C PRO A 253 -3.02 16.09 21.21
N ASP A 254 -3.25 15.71 22.46
CA ASP A 254 -3.07 16.67 23.54
C ASP A 254 -1.60 16.96 23.80
N LEU A 255 -0.75 16.10 23.26
CA LEU A 255 0.69 16.21 23.45
C LEU A 255 1.37 17.05 22.38
N VAL A 256 0.72 17.19 21.24
CA VAL A 256 1.30 17.96 20.16
C VAL A 256 0.89 19.42 20.17
N LEU A 257 1.73 20.29 20.73
CA LEU A 257 1.45 21.73 20.80
C LEU A 257 1.83 22.37 19.46
N GLU A 258 0.93 23.18 18.93
CA GLU A 258 1.15 23.86 17.64
C GLU A 258 1.02 25.37 17.77
N VAL A 259 1.41 26.08 16.72
CA VAL A 259 1.34 27.54 16.72
C VAL A 259 0.64 28.01 15.45
N THR A 260 -0.42 28.81 15.61
CA THR A 260 -1.15 29.33 14.46
C THR A 260 -0.45 30.56 13.91
N MET A 261 -0.12 30.53 12.63
CA MET A 261 0.60 31.64 12.03
C MET A 261 -0.24 32.88 11.76
N GLU A 262 0.19 33.99 12.36
CA GLU A 262 -0.46 35.28 12.15
C GLU A 262 0.54 36.45 12.16
N HIS A 263 0.44 37.32 11.14
CA HIS A 263 1.33 38.48 11.01
C HIS A 263 0.87 39.65 11.88
N PRO A 264 1.82 40.37 12.49
CA PRO A 264 1.50 41.52 13.35
C PRO A 264 1.01 42.77 12.63
N LYS A 265 0.83 42.67 11.31
CA LYS A 265 0.36 43.80 10.51
C LYS A 265 -0.56 43.33 9.40
N TYR A 266 -0.27 42.17 8.84
CA TYR A 266 -1.09 41.61 7.76
C TYR A 266 -2.21 40.71 8.29
N GLU A 267 -3.43 41.23 8.28
CA GLU A 267 -4.61 40.49 8.76
C GLU A 267 -4.86 39.28 7.90
N TRP A 268 -4.55 39.40 6.62
CA TRP A 268 -4.74 38.30 5.67
C TRP A 268 -3.78 37.13 5.89
N PHE A 269 -2.80 37.29 6.78
CA PHE A 269 -1.83 36.22 7.02
C PHE A 269 -2.51 35.05 7.72
N GLN A 270 -3.37 35.38 8.68
CA GLN A 270 -4.10 34.37 9.41
C GLN A 270 -4.99 33.58 8.44
N GLU A 271 -5.40 34.25 7.37
CA GLU A 271 -6.26 33.65 6.36
C GLU A 271 -5.53 32.60 5.56
N LEU A 272 -4.22 32.48 5.76
CA LEU A 272 -3.46 31.48 5.03
C LEU A 272 -3.70 30.09 5.63
N GLY A 273 -4.18 30.08 6.87
CA GLY A 273 -4.48 28.84 7.57
C GLY A 273 -3.27 28.01 7.93
N LEU A 274 -2.13 28.68 8.01
CA LEU A 274 -0.86 28.03 8.33
C LEU A 274 -0.63 27.87 9.82
N LYS A 275 0.21 26.89 10.14
CA LYS A 275 0.58 26.59 11.51
C LYS A 275 1.74 25.58 11.51
N TRP A 276 2.35 25.35 12.67
CA TRP A 276 3.46 24.40 12.73
C TRP A 276 3.61 23.93 14.16
N TYR A 277 4.20 22.75 14.33
CA TYR A 277 4.43 22.17 15.66
C TYR A 277 5.56 22.90 16.36
N ALA A 278 5.47 22.97 17.67
CA ALA A 278 6.45 23.66 18.46
C ALA A 278 7.68 22.86 18.83
N LEU A 279 7.58 21.55 18.67
CA LEU A 279 8.68 20.69 19.07
C LEU A 279 9.54 20.12 17.96
N PRO A 280 10.81 20.55 17.90
CA PRO A 280 11.75 20.08 16.89
C PRO A 280 12.54 18.93 17.53
N ALA A 281 12.13 17.70 17.23
CA ALA A 281 12.79 16.57 17.82
C ALA A 281 13.26 15.59 16.76
N VAL A 282 14.57 15.54 16.53
CA VAL A 282 15.17 14.63 15.53
C VAL A 282 15.05 13.22 16.07
N ALA A 283 14.47 12.32 15.29
CA ALA A 283 14.26 10.96 15.76
C ALA A 283 15.02 9.79 15.15
N ASN A 284 15.74 10.03 14.05
CA ASN A 284 16.41 8.93 13.40
C ASN A 284 17.93 8.84 13.43
N MET A 285 18.55 9.51 14.39
CA MET A 285 20.01 9.47 14.45
C MET A 285 20.58 8.46 15.44
N LEU A 286 21.85 8.11 15.24
CA LEU A 286 22.52 7.14 16.08
C LEU A 286 23.60 7.78 16.93
N LEU A 287 23.51 7.56 18.24
CA LEU A 287 24.49 8.12 19.15
C LEU A 287 25.60 7.11 19.35
N GLU A 288 26.80 7.46 18.92
CA GLU A 288 27.93 6.59 19.10
C GLU A 288 28.71 7.10 20.31
N VAL A 289 29.18 6.18 21.14
CA VAL A 289 29.95 6.56 22.32
C VAL A 289 30.79 5.39 22.82
N GLY A 290 32.07 5.67 23.07
CA GLY A 290 33.00 4.66 23.55
C GLY A 290 32.86 3.32 22.87
N GLY A 291 32.68 3.31 21.56
CA GLY A 291 32.55 2.05 20.86
C GLY A 291 31.14 1.51 20.85
N LEU A 292 30.32 1.94 21.81
CA LEU A 292 28.93 1.51 21.89
C LEU A 292 28.09 2.42 20.99
N GLU A 293 27.08 1.87 20.35
CA GLU A 293 26.22 2.68 19.50
C GLU A 293 24.73 2.43 19.77
N PHE A 294 23.97 3.51 19.93
CA PHE A 294 22.52 3.46 20.21
C PHE A 294 21.77 3.97 18.98
N PRO A 295 21.26 3.06 18.14
CA PRO A 295 20.52 3.40 16.93
C PRO A 295 19.20 4.13 17.16
N ALA A 296 18.79 4.25 18.42
CA ALA A 296 17.56 4.96 18.77
C ALA A 296 17.80 5.89 19.95
N CYS A 297 17.67 7.20 19.72
CA CYS A 297 17.87 8.21 20.76
C CYS A 297 17.33 9.57 20.32
N PRO A 298 16.02 9.69 20.31
CA PRO A 298 15.41 10.94 19.90
C PRO A 298 15.72 12.12 20.84
N PHE A 299 16.20 13.20 20.26
CA PHE A 299 16.54 14.40 21.01
C PHE A 299 15.79 15.60 20.46
N ASN A 300 15.82 16.67 21.24
CA ASN A 300 15.17 17.90 20.87
C ASN A 300 15.70 19.12 21.63
N GLY A 301 15.60 20.26 20.96
CA GLY A 301 15.99 21.54 21.48
C GLY A 301 14.74 22.36 21.23
N TRP A 302 14.91 23.55 20.66
CA TRP A 302 13.77 24.42 20.33
C TRP A 302 14.06 24.99 18.97
N TYR A 303 12.99 25.39 18.29
CA TYR A 303 13.11 25.95 16.96
C TYR A 303 13.87 27.27 16.76
N MET A 304 14.39 27.44 15.56
CA MET A 304 15.05 28.67 15.17
C MET A 304 14.16 29.21 14.05
N GLY A 305 13.65 30.41 14.19
CA GLY A 305 12.74 30.98 13.18
C GLY A 305 12.87 30.54 11.73
N THR A 306 14.04 30.81 11.16
CA THR A 306 14.28 30.49 9.78
C THR A 306 13.97 29.08 9.35
N GLU A 307 14.02 28.16 10.30
CA GLU A 307 13.76 26.76 10.02
C GLU A 307 12.33 26.53 9.53
N ILE A 308 11.39 27.15 10.21
CA ILE A 308 10.00 27.04 9.86
C ILE A 308 9.68 28.02 8.73
N GLY A 309 9.90 29.30 8.98
CA GLY A 309 9.60 30.30 7.98
C GLY A 309 10.32 30.19 6.64
N VAL A 310 11.59 29.79 6.64
CA VAL A 310 12.33 29.70 5.40
C VAL A 310 12.34 28.31 4.79
N ARG A 311 12.68 27.30 5.59
CA ARG A 311 12.74 25.93 5.06
C ARG A 311 11.38 25.27 4.85
N ASP A 312 10.71 24.93 5.94
CA ASP A 312 9.40 24.29 5.93
C ASP A 312 8.34 25.00 5.09
N PHE A 313 8.24 26.32 5.27
CA PHE A 313 7.28 27.15 4.56
C PHE A 313 7.66 27.57 3.15
N CYS A 314 8.93 27.95 2.93
CA CYS A 314 9.35 28.41 1.60
C CYS A 314 10.06 27.50 0.63
N ASP A 315 10.47 26.32 1.07
CA ASP A 315 11.12 25.42 0.13
C ASP A 315 10.09 24.92 -0.87
N THR A 316 10.45 24.90 -2.16
CA THR A 316 9.52 24.43 -3.20
C THR A 316 9.14 22.96 -3.00
N GLN A 317 9.99 22.23 -2.29
CA GLN A 317 9.80 20.82 -1.98
C GLN A 317 9.03 20.62 -0.66
N ARG A 318 8.46 21.69 -0.13
CA ARG A 318 7.69 21.61 1.11
C ARG A 318 6.32 22.27 0.93
N TYR A 319 6.00 23.18 1.84
CA TYR A 319 4.73 23.87 1.76
C TYR A 319 4.68 24.98 0.72
N ASN A 320 5.85 25.41 0.21
CA ASN A 320 5.95 26.43 -0.83
C ASN A 320 4.88 27.56 -0.77
N ILE A 321 5.05 28.49 0.15
CA ILE A 321 4.06 29.55 0.26
C ILE A 321 4.50 30.91 -0.26
N LEU A 322 5.71 31.01 -0.82
CA LEU A 322 6.22 32.30 -1.32
C LEU A 322 5.40 32.96 -2.43
N GLU A 323 5.06 32.19 -3.45
CA GLU A 323 4.27 32.68 -4.57
C GLU A 323 3.01 33.44 -4.11
N GLU A 324 2.23 32.82 -3.23
CA GLU A 324 1.01 33.48 -2.80
C GLU A 324 1.16 34.53 -1.74
N VAL A 325 2.12 34.36 -0.83
CA VAL A 325 2.35 35.36 0.21
C VAL A 325 2.81 36.62 -0.51
N GLY A 326 3.40 36.41 -1.68
CA GLY A 326 3.87 37.53 -2.46
C GLY A 326 2.71 38.37 -2.94
N ARG A 327 1.80 37.76 -3.68
CA ARG A 327 0.62 38.46 -4.24
C ARG A 327 -0.11 39.26 -3.21
N ARG A 328 -0.39 38.62 -2.07
CA ARG A 328 -1.11 39.25 -1.00
C ARG A 328 -0.41 40.48 -0.45
N MET A 329 0.84 40.69 -0.88
CA MET A 329 1.63 41.83 -0.46
C MET A 329 1.69 42.87 -1.60
N GLY A 330 1.07 42.51 -2.73
CA GLY A 330 1.05 43.37 -3.89
C GLY A 330 2.41 43.48 -4.52
N LEU A 331 3.20 42.40 -4.42
CA LEU A 331 4.56 42.35 -4.95
C LEU A 331 4.60 41.92 -6.41
N GLU A 332 5.63 42.37 -7.12
CA GLU A 332 5.80 42.04 -8.52
C GLU A 332 6.24 40.58 -8.68
N THR A 333 5.31 39.69 -8.39
CA THR A 333 5.49 38.25 -8.46
C THR A 333 6.08 37.71 -9.77
N HIS A 334 5.91 38.46 -10.84
CA HIS A 334 6.41 38.05 -12.17
C HIS A 334 7.65 38.78 -12.68
N THR A 335 8.20 39.63 -11.81
CA THR A 335 9.41 40.40 -12.08
C THR A 335 10.40 40.01 -10.97
N LEU A 336 11.20 39.00 -11.26
CA LEU A 336 12.18 38.45 -10.33
C LEU A 336 13.15 39.47 -9.73
N ALA A 337 13.61 40.39 -10.56
CA ALA A 337 14.54 41.42 -10.14
C ALA A 337 13.98 42.39 -9.11
N SER A 338 12.67 42.35 -8.88
CA SER A 338 12.03 43.24 -7.92
C SER A 338 12.37 42.86 -6.48
N LEU A 339 13.08 41.74 -6.32
CA LEU A 339 13.44 41.22 -5.01
C LEU A 339 12.21 40.90 -4.13
N TRP A 340 11.08 40.60 -4.77
CA TRP A 340 9.83 40.28 -4.07
C TRP A 340 10.05 39.08 -3.17
N LYS A 341 10.82 38.12 -3.64
CA LYS A 341 11.09 36.94 -2.83
C LYS A 341 11.77 37.30 -1.53
N ASP A 342 12.73 38.23 -1.57
CA ASP A 342 13.46 38.65 -0.37
C ASP A 342 12.48 39.31 0.56
N ARG A 343 11.68 40.20 0.00
CA ARG A 343 10.69 40.92 0.77
C ARG A 343 9.68 39.98 1.46
N ALA A 344 9.18 38.99 0.71
CA ALA A 344 8.18 38.04 1.22
C ALA A 344 8.65 37.18 2.37
N VAL A 345 9.66 36.35 2.09
CA VAL A 345 10.22 35.45 3.09
C VAL A 345 10.46 36.16 4.41
N THR A 346 10.91 37.40 4.38
CA THR A 346 11.18 38.14 5.61
C THR A 346 9.88 38.34 6.41
N GLU A 347 8.80 38.61 5.69
CA GLU A 347 7.49 38.78 6.35
C GLU A 347 6.99 37.43 6.89
N ILE A 348 7.27 36.34 6.18
CA ILE A 348 6.88 35.04 6.67
C ILE A 348 7.67 34.78 7.96
N ASN A 349 8.94 35.20 7.96
CA ASN A 349 9.80 35.02 9.12
C ASN A 349 9.29 35.78 10.35
N VAL A 350 8.80 37.00 10.13
CA VAL A 350 8.31 37.78 11.26
C VAL A 350 7.04 37.13 11.78
N ALA A 351 6.28 36.52 10.89
CA ALA A 351 5.03 35.88 11.28
C ALA A 351 5.35 34.74 12.25
N VAL A 352 6.25 33.86 11.82
CA VAL A 352 6.66 32.71 12.59
C VAL A 352 7.14 33.17 13.96
N LEU A 353 8.07 34.13 13.94
CA LEU A 353 8.66 34.66 15.16
C LEU A 353 7.63 35.30 16.06
N HIS A 354 6.77 36.13 15.46
CA HIS A 354 5.72 36.83 16.17
C HIS A 354 4.72 35.85 16.79
N SER A 355 4.21 34.92 15.98
CA SER A 355 3.28 33.92 16.45
C SER A 355 3.81 33.09 17.63
N PHE A 356 5.06 32.66 17.55
CA PHE A 356 5.65 31.88 18.64
C PHE A 356 5.74 32.75 19.90
N GLN A 357 6.10 34.01 19.72
CA GLN A 357 6.23 34.88 20.88
C GLN A 357 4.89 35.16 21.52
N LYS A 358 3.90 35.38 20.66
CA LYS A 358 2.55 35.67 21.10
C LYS A 358 1.92 34.51 21.83
N GLN A 359 2.14 33.30 21.33
CA GLN A 359 1.56 32.10 21.92
C GLN A 359 2.45 31.45 22.96
N ASN A 360 3.32 32.27 23.54
CA ASN A 360 4.27 31.87 24.58
C ASN A 360 5.03 30.57 24.40
N VAL A 361 5.52 30.35 23.18
CA VAL A 361 6.29 29.17 22.82
C VAL A 361 7.72 29.58 22.49
N THR A 362 8.69 28.96 23.16
CA THR A 362 10.10 29.25 22.92
C THR A 362 10.48 29.18 21.44
N ILE A 363 11.40 30.05 21.05
CA ILE A 363 11.91 30.10 19.69
C ILE A 363 12.96 31.20 19.69
N MET A 364 13.98 31.06 18.86
CA MET A 364 15.06 32.02 18.74
C MET A 364 15.24 32.42 17.29
N ASP A 365 15.45 33.71 17.04
CA ASP A 365 15.67 34.18 15.67
C ASP A 365 17.09 33.81 15.25
N HIS A 366 17.31 33.70 13.95
CA HIS A 366 18.62 33.33 13.43
C HIS A 366 19.76 34.25 13.80
N HIS A 367 19.49 35.54 13.91
CA HIS A 367 20.53 36.49 14.30
C HIS A 367 21.03 36.23 15.71
N THR A 368 20.12 36.27 16.68
CA THR A 368 20.51 36.04 18.08
C THR A 368 21.18 34.67 18.19
N ALA A 369 20.73 33.72 17.37
CA ALA A 369 21.24 32.35 17.43
C ALA A 369 22.67 32.30 16.99
N SER A 370 22.95 33.02 15.90
CA SER A 370 24.28 33.07 15.34
C SER A 370 25.22 33.74 16.32
N GLU A 371 24.77 34.84 16.90
CA GLU A 371 25.63 35.53 17.82
C GLU A 371 26.03 34.60 18.94
N SER A 372 25.09 33.73 19.31
CA SER A 372 25.35 32.79 20.38
C SER A 372 26.33 31.72 19.95
N PHE A 373 26.18 31.19 18.74
CA PHE A 373 27.12 30.17 18.30
C PHE A 373 28.54 30.71 18.28
N MET A 374 28.67 31.96 17.85
CA MET A 374 29.96 32.65 17.81
C MET A 374 30.50 32.71 19.23
N LYS A 375 29.63 33.05 20.18
CA LYS A 375 30.05 33.10 21.58
C LYS A 375 30.52 31.71 22.01
N HIS A 376 29.73 30.71 21.69
CA HIS A 376 30.03 29.32 22.05
C HIS A 376 31.34 28.89 21.44
N MET A 377 31.46 29.10 20.13
CA MET A 377 32.64 28.73 19.37
C MET A 377 33.92 29.25 20.00
N GLN A 378 33.86 30.49 20.51
CA GLN A 378 35.05 31.04 21.13
C GLN A 378 35.25 30.44 22.50
N ASN A 379 34.16 30.07 23.16
CA ASN A 379 34.21 29.45 24.49
C ASN A 379 34.82 28.07 24.33
N GLU A 380 34.58 27.48 23.16
CA GLU A 380 35.03 26.14 22.82
C GLU A 380 36.54 26.04 22.54
N TYR A 381 37.09 27.03 21.84
CA TYR A 381 38.52 27.05 21.55
C TYR A 381 39.31 27.41 22.81
N ARG A 382 38.79 28.36 23.58
CA ARG A 382 39.41 28.77 24.81
C ARG A 382 39.35 27.59 25.81
N ALA A 383 38.29 26.80 25.74
CA ALA A 383 38.13 25.68 26.66
C ALA A 383 38.85 24.41 26.25
N ARG A 384 38.96 24.19 24.94
CA ARG A 384 39.62 22.99 24.46
C ARG A 384 40.23 23.08 23.06
N GLY A 385 40.46 24.31 22.61
CA GLY A 385 41.09 24.54 21.32
C GLY A 385 40.44 23.87 20.14
N GLY A 386 39.14 24.07 19.96
CA GLY A 386 38.48 23.47 18.83
C GLY A 386 36.99 23.42 18.99
N CYS A 387 36.33 23.30 17.84
CA CYS A 387 34.89 23.22 17.76
C CYS A 387 34.49 22.78 16.35
N PRO A 388 34.16 21.50 16.20
CA PRO A 388 33.76 20.99 14.89
C PRO A 388 32.61 21.82 14.28
N ALA A 389 32.83 22.45 13.14
CA ALA A 389 31.77 23.28 12.59
C ALA A 389 31.61 23.16 11.08
N ASP A 390 30.43 22.77 10.64
CA ASP A 390 30.15 22.64 9.21
C ASP A 390 29.51 23.96 8.81
N TRP A 391 30.28 24.83 8.17
CA TRP A 391 29.82 26.14 7.71
C TRP A 391 28.53 26.03 6.89
N ILE A 392 28.54 25.15 5.89
CA ILE A 392 27.38 24.98 5.02
C ILE A 392 26.05 24.76 5.76
N TRP A 393 26.13 24.26 6.98
CA TRP A 393 24.93 24.01 7.74
C TRP A 393 24.65 25.07 8.79
N LEU A 394 25.71 25.72 9.27
CA LEU A 394 25.54 26.71 10.30
C LEU A 394 25.05 28.05 9.81
N VAL A 395 25.34 28.35 8.56
CA VAL A 395 24.90 29.61 8.00
C VAL A 395 23.43 29.51 7.68
N PRO A 396 22.62 30.37 8.30
CA PRO A 396 21.17 30.47 8.15
C PRO A 396 20.76 30.59 6.68
N PRO A 397 19.64 29.96 6.31
CA PRO A 397 19.10 29.96 4.95
C PRO A 397 18.72 31.34 4.42
N VAL A 398 18.83 32.36 5.27
CA VAL A 398 18.57 33.75 4.88
C VAL A 398 19.48 34.67 5.64
N SER A 399 19.74 35.83 5.04
CA SER A 399 20.58 36.88 5.65
C SER A 399 21.97 36.36 6.05
N GLY A 400 22.62 35.69 5.10
CA GLY A 400 23.91 35.10 5.35
C GLY A 400 24.98 35.93 6.01
N SER A 401 25.59 36.80 5.20
CA SER A 401 26.65 37.66 5.66
C SER A 401 26.19 38.68 6.68
N ILE A 402 24.88 38.85 6.81
CA ILE A 402 24.34 39.79 7.81
C ILE A 402 24.58 39.12 9.18
N THR A 403 24.95 37.85 9.13
CA THR A 403 25.22 37.03 10.31
C THR A 403 26.71 36.89 10.53
N PRO A 404 27.14 36.75 11.78
CA PRO A 404 28.57 36.60 12.07
C PRO A 404 29.21 35.30 11.56
N VAL A 405 28.55 34.17 11.81
CA VAL A 405 29.08 32.88 11.43
C VAL A 405 29.50 32.74 9.99
N PHE A 406 28.92 33.58 9.13
CA PHE A 406 29.22 33.56 7.70
C PHE A 406 30.67 33.89 7.42
N HIS A 407 31.18 34.81 8.22
CA HIS A 407 32.53 35.28 8.11
C HIS A 407 33.53 34.49 8.90
N GLN A 408 33.06 33.61 9.75
CA GLN A 408 33.95 32.80 10.58
C GLN A 408 34.35 31.52 9.84
N GLU A 409 35.67 31.34 9.65
CA GLU A 409 36.19 30.15 9.00
C GLU A 409 36.07 29.04 10.01
N MET A 410 35.76 27.84 9.54
CA MET A 410 35.61 26.76 10.48
C MET A 410 36.05 25.42 9.95
N LEU A 411 36.52 24.57 10.87
CA LEU A 411 37.00 23.23 10.56
C LEU A 411 35.96 22.17 10.89
N ASN A 412 35.63 21.36 9.90
CA ASN A 412 34.63 20.33 10.07
C ASN A 412 35.33 18.98 10.30
N TYR A 413 35.04 18.32 11.42
CA TYR A 413 35.63 17.02 11.70
C TYR A 413 34.77 16.19 12.66
N VAL A 414 34.74 14.88 12.41
CA VAL A 414 33.98 13.97 13.24
C VAL A 414 34.71 13.49 14.51
N LEU A 415 34.30 13.98 15.69
CA LEU A 415 34.92 13.55 16.93
C LEU A 415 34.14 12.38 17.52
N SER A 416 34.24 12.21 18.85
CA SER A 416 33.53 11.17 19.59
C SER A 416 33.41 11.50 21.08
N PRO A 417 32.23 11.27 21.66
CA PRO A 417 31.02 10.73 21.02
C PRO A 417 30.44 11.56 19.87
N PHE A 418 29.61 10.94 19.04
CA PHE A 418 29.08 11.65 17.88
C PHE A 418 27.67 11.19 17.58
N TYR A 419 26.89 12.05 16.93
CA TYR A 419 25.52 11.72 16.52
C TYR A 419 25.52 11.45 15.01
N TYR A 420 25.80 10.22 14.61
CA TYR A 420 25.81 9.85 13.19
C TYR A 420 24.41 9.72 12.58
N TYR A 421 24.35 9.66 11.26
CA TYR A 421 23.10 9.44 10.53
C TYR A 421 23.03 7.93 10.37
N GLN A 422 21.99 7.45 9.73
CA GLN A 422 21.90 6.02 9.49
C GLN A 422 21.01 5.71 8.32
N ILE A 423 21.30 4.59 7.65
CA ILE A 423 20.51 4.13 6.50
C ILE A 423 19.05 3.97 6.87
N GLU A 424 18.19 4.56 6.06
CA GLU A 424 16.75 4.48 6.32
C GLU A 424 16.32 3.03 6.53
N PRO A 425 15.80 2.74 7.73
CA PRO A 425 15.32 1.42 8.18
C PRO A 425 14.47 0.62 7.20
N TRP A 426 13.53 1.24 6.51
CA TRP A 426 12.70 0.50 5.56
C TRP A 426 13.47 -0.10 4.39
N LYS A 427 14.77 0.18 4.33
CA LYS A 427 15.60 -0.37 3.27
C LYS A 427 16.25 -1.64 3.78
N THR A 428 17.05 -1.52 4.83
CA THR A 428 17.75 -2.67 5.39
C THR A 428 16.97 -3.29 6.55
N HIS A 429 15.92 -4.04 6.24
CA HIS A 429 15.12 -4.67 7.27
C HIS A 429 14.24 -5.77 6.72
N ILE A 430 14.55 -6.99 7.14
CA ILE A 430 13.81 -8.17 6.72
C ILE A 430 12.67 -8.40 7.72
N TRP A 431 11.45 -8.49 7.20
CA TRP A 431 10.29 -8.67 8.05
C TRP A 431 10.04 -10.13 8.44
N GLN B 13 -17.96 -28.16 16.23
CA GLN B 13 -17.69 -26.71 16.30
C GLN B 13 -18.94 -25.91 15.89
N TYR B 14 -18.82 -25.16 14.80
CA TYR B 14 -19.92 -24.35 14.26
C TYR B 14 -19.80 -24.17 12.74
N VAL B 15 -20.64 -23.31 12.16
CA VAL B 15 -20.60 -23.06 10.74
C VAL B 15 -20.69 -21.57 10.48
N ARG B 16 -19.77 -21.07 9.67
CA ARG B 16 -19.68 -19.67 9.33
C ARG B 16 -20.73 -19.30 8.26
N ILE B 17 -21.50 -18.24 8.53
CA ILE B 17 -22.55 -17.78 7.62
C ILE B 17 -22.40 -16.29 7.35
N LYS B 18 -22.14 -15.94 6.11
CA LYS B 18 -21.96 -14.55 5.74
C LYS B 18 -23.18 -13.92 5.05
N ASN B 19 -23.40 -12.65 5.35
CA ASN B 19 -24.50 -11.88 4.77
C ASN B 19 -23.82 -10.91 3.82
N TRP B 20 -23.82 -11.24 2.54
CA TRP B 20 -23.17 -10.40 1.55
C TRP B 20 -23.69 -8.97 1.43
N GLY B 21 -24.74 -8.66 2.18
CA GLY B 21 -25.29 -7.33 2.13
C GLY B 21 -24.66 -6.45 3.20
N SER B 22 -24.58 -7.00 4.40
CA SER B 22 -24.01 -6.31 5.54
C SER B 22 -22.55 -6.66 5.75
N GLY B 23 -22.09 -7.72 5.10
CA GLY B 23 -20.71 -8.18 5.27
C GLY B 23 -20.64 -9.01 6.55
N GLU B 24 -21.58 -8.74 7.45
CA GLU B 24 -21.70 -9.40 8.74
C GLU B 24 -21.64 -10.94 8.66
N ILE B 25 -20.99 -11.55 9.65
CA ILE B 25 -20.85 -13.00 9.71
C ILE B 25 -21.43 -13.56 11.00
N LEU B 26 -21.97 -14.77 10.93
CA LEU B 26 -22.57 -15.43 12.07
C LEU B 26 -22.06 -16.84 12.18
N HIS B 27 -22.00 -17.38 13.40
CA HIS B 27 -21.50 -18.73 13.61
C HIS B 27 -22.65 -19.63 14.07
N ASP B 28 -23.11 -20.51 13.19
CA ASP B 28 -24.23 -21.39 13.54
C ASP B 28 -23.84 -22.50 14.51
N THR B 29 -24.46 -22.47 15.68
CA THR B 29 -24.24 -23.45 16.73
C THR B 29 -25.34 -24.51 16.68
N LEU B 30 -26.58 -24.03 16.81
CA LEU B 30 -27.81 -24.82 16.81
C LEU B 30 -27.92 -25.98 15.84
N HIS B 31 -27.28 -25.88 14.68
CA HIS B 31 -27.35 -26.96 13.69
C HIS B 31 -26.93 -28.35 14.21
N HIS B 32 -26.53 -28.40 15.48
CA HIS B 32 -26.13 -29.66 16.10
C HIS B 32 -27.32 -30.45 16.61
N LYS B 33 -28.40 -29.75 16.98
CA LYS B 33 -29.59 -30.43 17.50
C LYS B 33 -30.43 -31.00 16.36
N ALA B 34 -29.82 -31.19 15.20
CA ALA B 34 -30.49 -31.72 14.03
C ALA B 34 -30.92 -33.19 14.13
N THR B 35 -31.68 -33.66 13.15
CA THR B 35 -32.16 -35.05 13.13
C THR B 35 -31.70 -35.81 11.87
N SER B 36 -32.62 -36.57 11.25
CA SER B 36 -32.33 -37.35 10.03
C SER B 36 -31.97 -36.44 8.86
N CYS B 45 -28.32 -28.93 5.27
CA CYS B 45 -28.17 -28.49 3.89
C CYS B 45 -27.44 -27.15 3.81
N LEU B 46 -26.39 -27.12 3.01
CA LEU B 46 -25.56 -25.95 2.77
C LEU B 46 -25.86 -25.33 1.40
N GLY B 47 -27.07 -25.57 0.88
CA GLY B 47 -27.47 -25.06 -0.42
C GLY B 47 -27.45 -23.55 -0.59
N SER B 48 -27.64 -22.83 0.52
CA SER B 48 -27.66 -21.37 0.51
C SER B 48 -26.27 -20.71 0.61
N ILE B 49 -25.22 -21.52 0.68
CA ILE B 49 -23.84 -21.00 0.78
C ILE B 49 -23.29 -20.56 -0.57
N MET B 50 -22.50 -19.50 -0.55
CA MET B 50 -21.88 -18.93 -1.75
C MET B 50 -20.72 -19.76 -2.33
N ASN B 51 -19.61 -19.80 -1.59
CA ASN B 51 -18.42 -20.54 -1.99
C ASN B 51 -18.16 -21.76 -1.10
N PRO B 52 -18.98 -22.82 -1.25
CA PRO B 52 -18.75 -24.01 -0.42
C PRO B 52 -17.45 -24.68 -0.85
N LYS B 53 -16.71 -25.25 0.10
CA LYS B 53 -15.45 -25.90 -0.23
C LYS B 53 -15.64 -27.05 -1.22
N SER B 54 -16.87 -27.50 -1.39
CA SER B 54 -17.18 -28.57 -2.34
C SER B 54 -17.14 -28.10 -3.77
N LEU B 55 -17.22 -26.78 -3.95
CA LEU B 55 -17.22 -26.15 -5.26
C LEU B 55 -15.91 -25.39 -5.51
N THR B 56 -14.94 -25.60 -4.64
CA THR B 56 -13.64 -24.94 -4.78
C THR B 56 -12.55 -25.97 -5.01
N ARG B 57 -11.49 -25.56 -5.71
CA ARG B 57 -10.38 -26.46 -5.97
C ARG B 57 -9.11 -25.66 -5.71
N GLY B 58 -8.64 -25.77 -4.46
CA GLY B 58 -7.46 -25.05 -3.99
C GLY B 58 -6.10 -25.42 -4.54
N PRO B 59 -5.05 -24.76 -4.04
CA PRO B 59 -3.63 -24.90 -4.40
C PRO B 59 -3.01 -26.30 -4.26
N ARG B 60 -1.77 -26.42 -4.70
CA ARG B 60 -1.03 -27.68 -4.64
C ARG B 60 0.41 -27.43 -4.21
N ASP B 61 1.14 -28.52 -3.95
CA ASP B 61 2.54 -28.51 -3.53
C ASP B 61 3.29 -29.69 -4.17
N LYS B 62 2.49 -30.65 -4.67
CA LYS B 62 3.03 -31.84 -5.30
C LYS B 62 2.11 -32.15 -6.45
N PRO B 63 2.63 -32.81 -7.48
CA PRO B 63 1.80 -33.16 -8.63
C PRO B 63 0.72 -34.14 -8.18
N THR B 64 -0.46 -34.02 -8.75
CA THR B 64 -1.54 -34.93 -8.40
C THR B 64 -1.09 -36.40 -8.48
N PRO B 65 -1.08 -37.10 -7.32
CA PRO B 65 -0.68 -38.50 -7.23
C PRO B 65 -1.29 -39.43 -8.26
N LEU B 66 -0.40 -40.13 -8.95
CA LEU B 66 -0.69 -41.10 -10.01
C LEU B 66 -1.97 -41.89 -9.73
N GLU B 67 -2.15 -42.26 -8.46
CA GLU B 67 -3.29 -43.06 -8.01
C GLU B 67 -4.66 -42.46 -8.26
N GLU B 68 -4.80 -41.17 -7.96
CA GLU B 68 -6.06 -40.48 -8.17
C GLU B 68 -6.17 -39.86 -9.57
N LEU B 69 -5.02 -39.52 -10.16
CA LEU B 69 -4.97 -38.90 -11.50
C LEU B 69 -5.31 -39.84 -12.66
N LEU B 70 -4.92 -41.10 -12.53
CA LEU B 70 -5.14 -42.09 -13.56
C LEU B 70 -6.60 -42.51 -13.81
N PRO B 71 -7.37 -42.80 -12.75
CA PRO B 71 -8.78 -43.21 -12.92
C PRO B 71 -9.63 -42.09 -13.53
N HIS B 72 -9.32 -40.83 -13.17
CA HIS B 72 -10.03 -39.64 -13.66
C HIS B 72 -9.86 -39.46 -15.17
N ALA B 73 -8.63 -39.65 -15.64
CA ALA B 73 -8.28 -39.54 -17.05
C ALA B 73 -8.98 -40.61 -17.90
N ILE B 74 -8.89 -41.87 -17.46
CA ILE B 74 -9.49 -42.96 -18.18
C ILE B 74 -10.99 -42.76 -18.38
N GLU B 75 -11.64 -42.11 -17.41
CA GLU B 75 -13.09 -41.86 -17.47
C GLU B 75 -13.43 -40.73 -18.45
N PHE B 76 -12.54 -39.74 -18.54
CA PHE B 76 -12.72 -38.63 -19.44
C PHE B 76 -12.60 -39.07 -20.89
N ILE B 77 -11.47 -39.70 -21.22
CA ILE B 77 -11.21 -40.20 -22.56
C ILE B 77 -12.36 -41.10 -23.02
N ASN B 78 -13.02 -41.76 -22.07
CA ASN B 78 -14.15 -42.63 -22.40
C ASN B 78 -15.35 -41.76 -22.76
N GLN B 79 -15.46 -40.61 -22.08
CA GLN B 79 -16.53 -39.65 -22.30
C GLN B 79 -16.33 -38.97 -23.64
N TYR B 80 -15.07 -38.64 -23.93
CA TYR B 80 -14.68 -37.97 -25.17
C TYR B 80 -14.97 -38.85 -26.37
N TYR B 81 -14.51 -40.09 -26.33
CA TYR B 81 -14.74 -40.99 -27.46
C TYR B 81 -16.14 -41.52 -27.52
N GLY B 82 -16.87 -41.37 -26.43
CA GLY B 82 -18.22 -41.87 -26.38
C GLY B 82 -19.24 -40.85 -26.80
N SER B 83 -18.78 -39.60 -26.95
CA SER B 83 -19.66 -38.52 -27.34
C SER B 83 -20.04 -38.54 -28.80
N PHE B 84 -19.04 -38.58 -29.68
CA PHE B 84 -19.34 -38.59 -31.10
C PHE B 84 -19.90 -39.90 -31.61
N LYS B 85 -20.99 -39.80 -32.38
CA LYS B 85 -21.64 -40.97 -32.96
C LYS B 85 -20.61 -41.77 -33.77
N GLU B 86 -20.86 -43.07 -33.93
CA GLU B 86 -19.97 -44.00 -34.64
C GLU B 86 -18.57 -43.89 -34.06
N ALA B 87 -18.44 -44.43 -32.85
CA ALA B 87 -17.18 -44.39 -32.13
C ALA B 87 -16.03 -44.98 -32.91
N LYS B 88 -14.89 -44.32 -32.78
CA LYS B 88 -13.67 -44.78 -33.42
C LYS B 88 -12.98 -45.65 -32.38
N ILE B 89 -13.58 -46.83 -32.16
CA ILE B 89 -13.14 -47.83 -31.19
C ILE B 89 -11.65 -48.12 -31.20
N GLU B 90 -11.08 -48.08 -32.41
CA GLU B 90 -9.66 -48.32 -32.55
C GLU B 90 -8.88 -47.17 -31.93
N GLU B 91 -9.33 -45.94 -32.19
CA GLU B 91 -8.66 -44.75 -31.67
C GLU B 91 -8.90 -44.62 -30.17
N HIS B 92 -10.07 -45.12 -29.74
CA HIS B 92 -10.49 -45.10 -28.35
C HIS B 92 -9.46 -45.85 -27.48
N LEU B 93 -9.36 -47.17 -27.69
CA LEU B 93 -8.44 -48.03 -26.93
C LEU B 93 -7.02 -47.54 -27.04
N ALA B 94 -6.67 -47.09 -28.24
CA ALA B 94 -5.34 -46.57 -28.50
C ALA B 94 -5.04 -45.40 -27.57
N ARG B 95 -5.95 -44.42 -27.52
CA ARG B 95 -5.78 -43.25 -26.68
C ARG B 95 -5.68 -43.66 -25.22
N LEU B 96 -6.57 -44.54 -24.79
CA LEU B 96 -6.58 -45.04 -23.41
C LEU B 96 -5.21 -45.59 -23.05
N GLU B 97 -4.72 -46.49 -23.89
CA GLU B 97 -3.43 -47.10 -23.70
C GLU B 97 -2.31 -46.04 -23.66
N ALA B 98 -2.31 -45.17 -24.66
CA ALA B 98 -1.31 -44.12 -24.78
C ALA B 98 -1.31 -43.17 -23.59
N VAL B 99 -2.50 -42.76 -23.18
CA VAL B 99 -2.64 -41.84 -22.06
C VAL B 99 -2.14 -42.46 -20.75
N THR B 100 -2.49 -43.74 -20.55
CA THR B 100 -2.10 -44.46 -19.35
C THR B 100 -0.59 -44.47 -19.23
N LYS B 101 0.11 -44.75 -20.34
CA LYS B 101 1.56 -44.79 -20.36
C LYS B 101 2.19 -43.44 -20.07
N GLU B 102 1.62 -42.39 -20.67
CA GLU B 102 2.10 -41.04 -20.50
C GLU B 102 2.03 -40.65 -19.03
N ILE B 103 0.89 -40.97 -18.42
CA ILE B 103 0.63 -40.70 -17.01
C ILE B 103 1.60 -41.46 -16.13
N GLU B 104 1.71 -42.77 -16.35
CA GLU B 104 2.61 -43.64 -15.59
C GLU B 104 4.10 -43.30 -15.66
N THR B 105 4.55 -42.84 -16.83
CA THR B 105 5.97 -42.48 -17.01
C THR B 105 6.32 -41.07 -16.55
N THR B 106 5.53 -40.08 -16.95
CA THR B 106 5.80 -38.68 -16.57
C THR B 106 5.01 -38.16 -15.37
N GLY B 107 3.84 -38.76 -15.13
CA GLY B 107 3.03 -38.32 -14.01
C GLY B 107 1.78 -37.60 -14.48
N THR B 108 1.91 -36.83 -15.56
CA THR B 108 0.78 -36.08 -16.09
C THR B 108 0.50 -36.56 -17.52
N TYR B 109 -0.24 -35.75 -18.28
CA TYR B 109 -0.55 -36.07 -19.67
C TYR B 109 -1.22 -34.88 -20.36
N GLN B 110 -0.87 -34.65 -21.63
CA GLN B 110 -1.46 -33.55 -22.36
C GLN B 110 -2.70 -33.99 -23.11
N LEU B 111 -3.57 -33.02 -23.41
CA LEU B 111 -4.79 -33.29 -24.18
C LEU B 111 -4.63 -32.94 -25.66
N THR B 112 -5.46 -33.56 -26.51
CA THR B 112 -5.43 -33.22 -27.93
C THR B 112 -6.31 -31.99 -28.00
N LEU B 113 -6.02 -31.06 -28.92
CA LEU B 113 -6.81 -29.84 -29.06
C LEU B 113 -8.31 -30.13 -29.06
N ASP B 114 -8.69 -31.20 -29.75
CA ASP B 114 -10.08 -31.61 -29.85
C ASP B 114 -10.68 -31.94 -28.49
N GLU B 115 -9.91 -32.67 -27.69
CA GLU B 115 -10.34 -33.06 -26.35
C GLU B 115 -10.55 -31.81 -25.48
N LEU B 116 -9.62 -30.85 -25.57
CA LEU B 116 -9.71 -29.61 -24.80
C LEU B 116 -10.99 -28.86 -25.16
N ILE B 117 -11.26 -28.74 -26.46
CA ILE B 117 -12.47 -28.09 -26.93
C ILE B 117 -13.70 -28.78 -26.30
N PHE B 118 -13.70 -30.10 -26.36
CA PHE B 118 -14.78 -30.89 -25.80
C PHE B 118 -14.87 -30.68 -24.29
N ALA B 119 -13.70 -30.53 -23.69
CA ALA B 119 -13.59 -30.34 -22.26
C ALA B 119 -14.28 -29.05 -21.82
N THR B 120 -13.96 -27.96 -22.51
CA THR B 120 -14.50 -26.63 -22.22
C THR B 120 -16.01 -26.57 -22.37
N LYS B 121 -16.51 -27.11 -23.47
CA LYS B 121 -17.94 -27.14 -23.73
C LYS B 121 -18.69 -27.98 -22.69
N MET B 122 -18.09 -29.11 -22.30
CA MET B 122 -18.71 -29.99 -21.31
C MET B 122 -18.77 -29.30 -19.96
N ALA B 123 -17.63 -28.79 -19.50
CA ALA B 123 -17.53 -28.10 -18.23
C ALA B 123 -18.59 -27.02 -18.12
N TRP B 124 -18.80 -26.32 -19.22
CA TRP B 124 -19.79 -25.25 -19.24
C TRP B 124 -21.14 -25.91 -19.09
N ARG B 125 -21.36 -26.92 -19.91
CA ARG B 125 -22.58 -27.71 -19.93
C ARG B 125 -22.92 -28.20 -18.53
N ASN B 126 -21.88 -28.56 -17.77
CA ASN B 126 -21.98 -29.06 -16.40
C ASN B 126 -21.93 -27.96 -15.32
N ALA B 127 -22.12 -26.71 -15.73
CA ALA B 127 -22.11 -25.59 -14.80
C ALA B 127 -23.52 -25.38 -14.27
N PRO B 128 -23.80 -25.90 -13.08
CA PRO B 128 -25.13 -25.77 -12.46
C PRO B 128 -25.62 -24.37 -12.20
N ARG B 129 -24.73 -23.39 -12.22
CA ARG B 129 -25.14 -22.03 -11.93
C ARG B 129 -25.42 -21.16 -13.17
N CYS B 130 -25.00 -21.65 -14.33
CA CYS B 130 -25.17 -20.94 -15.60
C CYS B 130 -26.58 -21.12 -16.20
N ILE B 131 -27.14 -20.05 -16.71
CA ILE B 131 -28.47 -20.16 -17.29
C ILE B 131 -28.46 -20.14 -18.81
N GLY B 132 -27.31 -19.81 -19.38
CA GLY B 132 -27.22 -19.77 -20.84
C GLY B 132 -26.60 -21.03 -21.39
N ARG B 133 -26.71 -22.13 -20.64
CA ARG B 133 -26.10 -23.40 -21.06
C ARG B 133 -26.66 -23.95 -22.35
N ILE B 134 -27.74 -23.39 -22.85
CA ILE B 134 -28.26 -23.89 -24.11
C ILE B 134 -27.27 -23.59 -25.24
N GLN B 135 -26.36 -22.66 -24.97
CA GLN B 135 -25.34 -22.25 -25.92
C GLN B 135 -24.04 -23.05 -25.78
N TRP B 136 -24.00 -23.97 -24.81
CA TRP B 136 -22.81 -24.79 -24.50
C TRP B 136 -21.99 -25.32 -25.67
N SER B 137 -22.63 -25.55 -26.81
CA SER B 137 -21.90 -26.05 -27.97
C SER B 137 -21.18 -24.93 -28.73
N ASN B 138 -21.74 -23.72 -28.75
CA ASN B 138 -21.12 -22.59 -29.46
C ASN B 138 -20.15 -21.86 -28.55
N LEU B 139 -18.90 -22.28 -28.58
CA LEU B 139 -17.89 -21.66 -27.76
C LEU B 139 -16.53 -21.63 -28.45
N GLN B 140 -15.99 -20.45 -28.62
CA GLN B 140 -14.69 -20.30 -29.23
C GLN B 140 -13.64 -20.67 -28.20
N VAL B 141 -12.67 -21.47 -28.62
CA VAL B 141 -11.60 -21.91 -27.73
C VAL B 141 -10.22 -21.43 -28.18
N PHE B 142 -9.55 -20.70 -27.29
CA PHE B 142 -8.20 -20.21 -27.60
C PHE B 142 -7.16 -21.00 -26.82
N ASP B 143 -6.41 -21.84 -27.54
CA ASP B 143 -5.38 -22.67 -26.94
C ASP B 143 -4.10 -21.87 -26.68
N ALA B 144 -3.88 -21.54 -25.41
CA ALA B 144 -2.71 -20.78 -24.98
C ALA B 144 -1.86 -21.63 -24.03
N ARG B 145 -1.99 -22.95 -24.15
CA ARG B 145 -1.25 -23.88 -23.31
C ARG B 145 0.27 -23.77 -23.45
N ASN B 146 0.71 -23.14 -24.54
CA ASN B 146 2.13 -22.94 -24.83
C ASN B 146 2.66 -21.65 -24.21
N CYS B 147 1.75 -20.81 -23.73
CA CYS B 147 2.14 -19.54 -23.12
C CYS B 147 3.14 -19.79 -22.00
N SER B 148 3.90 -18.76 -21.63
CA SER B 148 4.89 -18.92 -20.56
C SER B 148 5.23 -17.65 -19.78
N THR B 149 4.79 -16.48 -20.25
CA THR B 149 5.07 -15.24 -19.51
C THR B 149 3.82 -14.38 -19.32
N ALA B 150 3.91 -13.40 -18.42
CA ALA B 150 2.79 -12.51 -18.14
C ALA B 150 2.45 -11.66 -19.36
N GLN B 151 3.47 -11.05 -19.98
CA GLN B 151 3.28 -10.25 -21.19
C GLN B 151 2.58 -11.11 -22.26
N GLU B 152 2.91 -12.39 -22.28
CA GLU B 152 2.30 -13.28 -23.25
C GLU B 152 0.83 -13.52 -22.90
N MET B 153 0.52 -13.55 -21.60
CA MET B 153 -0.86 -13.75 -21.16
C MET B 153 -1.67 -12.55 -21.58
N PHE B 154 -1.17 -11.36 -21.21
CA PHE B 154 -1.82 -10.10 -21.53
C PHE B 154 -2.23 -10.07 -23.02
N GLN B 155 -1.38 -10.61 -23.87
CA GLN B 155 -1.65 -10.65 -25.31
C GLN B 155 -2.76 -11.61 -25.64
N HIS B 156 -2.74 -12.77 -25.01
CA HIS B 156 -3.78 -13.76 -25.27
C HIS B 156 -5.14 -13.25 -24.79
N ILE B 157 -5.09 -12.52 -23.68
CA ILE B 157 -6.29 -11.97 -23.08
C ILE B 157 -6.86 -10.87 -23.94
N CYS B 158 -5.98 -10.04 -24.49
CA CYS B 158 -6.42 -8.96 -25.35
C CYS B 158 -7.08 -9.52 -26.60
N ARG B 159 -6.48 -10.57 -27.15
CA ARG B 159 -7.04 -11.19 -28.35
C ARG B 159 -8.43 -11.73 -28.03
N HIS B 160 -8.55 -12.26 -26.82
CA HIS B 160 -9.79 -12.84 -26.32
C HIS B 160 -10.85 -11.77 -26.26
N ILE B 161 -10.55 -10.66 -25.60
CA ILE B 161 -11.48 -9.54 -25.45
C ILE B 161 -11.92 -9.04 -26.81
N LEU B 162 -10.95 -8.88 -27.70
CA LEU B 162 -11.22 -8.39 -29.05
C LEU B 162 -12.14 -9.32 -29.83
N TYR B 163 -11.86 -10.62 -29.78
CA TYR B 163 -12.69 -11.60 -30.47
C TYR B 163 -14.08 -11.62 -29.85
N ALA B 164 -14.10 -11.75 -28.52
CA ALA B 164 -15.34 -11.82 -27.76
C ALA B 164 -16.23 -10.60 -27.94
N THR B 165 -15.67 -9.40 -27.86
CA THR B 165 -16.44 -8.16 -27.99
C THR B 165 -17.13 -8.02 -29.36
N ASN B 166 -16.34 -8.25 -30.41
CA ASN B 166 -16.78 -8.23 -31.79
C ASN B 166 -17.74 -7.10 -32.14
N ASN B 167 -17.35 -5.90 -31.74
CA ASN B 167 -18.10 -4.69 -32.01
C ASN B 167 -19.57 -4.71 -31.56
N GLY B 168 -19.81 -5.32 -30.41
CA GLY B 168 -21.16 -5.40 -29.88
C GLY B 168 -21.82 -6.75 -30.09
N ASN B 169 -21.54 -7.43 -31.19
CA ASN B 169 -22.11 -8.75 -31.44
C ASN B 169 -21.28 -9.73 -30.61
N ILE B 170 -21.60 -9.83 -29.32
CA ILE B 170 -20.84 -10.66 -28.42
C ILE B 170 -20.70 -12.13 -28.80
N ARG B 171 -19.48 -12.65 -28.70
CA ARG B 171 -19.22 -14.06 -29.01
C ARG B 171 -18.61 -14.77 -27.80
N SER B 172 -19.16 -15.93 -27.46
CA SER B 172 -18.68 -16.71 -26.30
C SER B 172 -17.33 -17.32 -26.64
N ALA B 173 -16.38 -17.17 -25.73
CA ALA B 173 -15.04 -17.69 -25.95
C ALA B 173 -14.35 -17.98 -24.62
N ILE B 174 -13.30 -18.80 -24.69
CA ILE B 174 -12.52 -19.12 -23.51
C ILE B 174 -11.06 -19.30 -23.94
N THR B 175 -10.15 -18.76 -23.13
CA THR B 175 -8.72 -18.90 -23.38
C THR B 175 -8.14 -19.85 -22.34
N VAL B 176 -7.54 -20.95 -22.80
CA VAL B 176 -6.97 -21.93 -21.89
C VAL B 176 -5.49 -21.75 -21.78
N PHE B 177 -5.03 -21.45 -20.57
CA PHE B 177 -3.60 -21.28 -20.31
C PHE B 177 -3.03 -22.62 -19.81
N PRO B 178 -1.68 -22.74 -19.72
CA PRO B 178 -1.03 -23.98 -19.27
C PRO B 178 -1.57 -24.56 -17.97
N GLN B 179 -1.89 -25.85 -18.03
CA GLN B 179 -2.43 -26.58 -16.89
C GLN B 179 -1.51 -26.58 -15.68
N ARG B 180 -2.04 -26.99 -14.54
CA ARG B 180 -1.23 -27.04 -13.34
C ARG B 180 -0.33 -28.26 -13.42
N SER B 181 0.95 -28.06 -13.07
CA SER B 181 1.94 -29.14 -13.08
C SER B 181 2.20 -29.63 -11.66
N ASP B 182 3.19 -29.03 -11.01
CA ASP B 182 3.55 -29.43 -9.66
C ASP B 182 2.71 -28.74 -8.59
N GLY B 183 2.44 -27.46 -8.81
CA GLY B 183 1.66 -26.71 -7.84
C GLY B 183 2.22 -25.32 -7.68
N LYS B 184 3.53 -25.22 -7.51
CA LYS B 184 4.21 -23.93 -7.36
C LYS B 184 4.33 -23.22 -8.71
N HIS B 185 3.91 -23.92 -9.77
CA HIS B 185 3.95 -23.38 -11.13
C HIS B 185 2.53 -23.25 -11.69
N ASP B 186 1.81 -22.26 -11.17
CA ASP B 186 0.44 -22.01 -11.58
C ASP B 186 0.23 -20.73 -12.36
N PHE B 187 -0.60 -20.82 -13.40
CA PHE B 187 -0.94 -19.64 -14.20
C PHE B 187 -2.25 -19.17 -13.58
N ARG B 188 -2.33 -17.89 -13.24
CA ARG B 188 -3.55 -17.39 -12.60
C ARG B 188 -3.82 -15.93 -12.90
N LEU B 189 -5.09 -15.60 -13.14
CA LEU B 189 -5.52 -14.23 -13.35
C LEU B 189 -6.04 -13.82 -11.97
N TRP B 190 -5.61 -12.66 -11.49
CA TRP B 190 -6.02 -12.23 -10.16
C TRP B 190 -7.36 -11.53 -10.14
N ASN B 191 -7.77 -11.06 -11.31
CA ASN B 191 -9.04 -10.35 -11.43
C ASN B 191 -10.22 -11.31 -11.30
N SER B 192 -11.33 -10.79 -10.79
CA SER B 192 -12.56 -11.57 -10.64
C SER B 192 -13.08 -11.87 -12.05
N GLN B 193 -12.97 -10.87 -12.91
CA GLN B 193 -13.40 -10.99 -14.29
C GLN B 193 -12.58 -10.02 -15.13
N LEU B 194 -12.40 -10.36 -16.41
CA LEU B 194 -11.62 -9.58 -17.36
C LEU B 194 -11.79 -8.06 -17.21
N ILE B 195 -12.98 -7.55 -17.52
CA ILE B 195 -13.25 -6.12 -17.37
C ILE B 195 -14.10 -5.94 -16.12
N ARG B 196 -13.70 -5.01 -15.27
CA ARG B 196 -14.41 -4.73 -14.02
C ARG B 196 -14.01 -3.32 -13.60
N TYR B 197 -14.91 -2.62 -12.90
CA TYR B 197 -14.64 -1.26 -12.48
C TYR B 197 -13.98 -1.19 -11.13
N ALA B 198 -13.16 -0.16 -10.93
CA ALA B 198 -12.46 0.05 -9.68
C ALA B 198 -13.34 0.71 -8.62
N GLY B 199 -13.04 0.43 -7.37
CA GLY B 199 -13.78 1.01 -6.27
C GLY B 199 -12.83 1.60 -5.22
N TYR B 200 -12.95 2.90 -4.96
CA TYR B 200 -12.07 3.57 -4.00
C TYR B 200 -12.83 4.06 -2.79
N GLN B 201 -12.23 3.92 -1.61
CA GLN B 201 -12.84 4.40 -0.37
C GLN B 201 -12.30 5.81 -0.17
N MET B 202 -12.88 6.75 -0.93
CA MET B 202 -12.49 8.15 -0.88
C MET B 202 -12.22 8.69 0.53
N PRO B 203 -11.43 9.78 0.62
CA PRO B 203 -11.06 10.44 1.87
C PRO B 203 -12.27 10.90 2.68
N ASP B 204 -13.25 11.50 1.99
CA ASP B 204 -14.49 11.99 2.61
C ASP B 204 -15.45 10.90 3.09
N GLY B 205 -14.92 9.71 3.37
CA GLY B 205 -15.71 8.57 3.84
C GLY B 205 -16.57 7.84 2.80
N THR B 206 -17.01 8.61 1.82
CA THR B 206 -17.85 8.08 0.75
C THR B 206 -17.10 7.12 -0.17
N ILE B 207 -17.76 6.04 -0.57
CA ILE B 207 -17.17 5.06 -1.47
C ILE B 207 -17.56 5.41 -2.91
N ARG B 208 -16.56 5.44 -3.79
CA ARG B 208 -16.78 5.76 -5.20
C ARG B 208 -16.43 4.57 -6.10
N GLY B 209 -17.23 4.37 -7.15
CA GLY B 209 -17.03 3.26 -8.08
C GLY B 209 -17.73 2.00 -7.63
N ASP B 210 -17.13 0.84 -7.93
CA ASP B 210 -17.70 -0.45 -7.54
C ASP B 210 -17.23 -0.89 -6.16
N ALA B 211 -18.06 -0.70 -5.16
CA ALA B 211 -17.72 -1.05 -3.79
C ALA B 211 -17.29 -2.49 -3.63
N ALA B 212 -17.69 -3.33 -4.56
CA ALA B 212 -17.34 -4.74 -4.46
C ALA B 212 -15.88 -5.02 -4.78
N THR B 213 -15.25 -4.11 -5.52
CA THR B 213 -13.84 -4.26 -5.89
C THR B 213 -12.89 -3.43 -5.03
N LEU B 214 -13.35 -2.94 -3.88
CA LEU B 214 -12.54 -2.10 -2.97
C LEU B 214 -11.19 -2.70 -2.62
N GLU B 215 -11.23 -3.92 -2.08
CA GLU B 215 -10.03 -4.61 -1.66
C GLU B 215 -9.09 -4.86 -2.84
N PHE B 216 -9.63 -5.33 -3.96
CA PHE B 216 -8.81 -5.61 -5.12
C PHE B 216 -8.24 -4.35 -5.76
N THR B 217 -9.00 -3.25 -5.71
CA THR B 217 -8.53 -2.00 -6.29
C THR B 217 -7.27 -1.56 -5.55
N GLN B 218 -7.25 -1.84 -4.25
CA GLN B 218 -6.10 -1.49 -3.42
C GLN B 218 -4.89 -2.30 -3.85
N LEU B 219 -5.07 -3.60 -4.03
CA LEU B 219 -3.99 -4.45 -4.47
C LEU B 219 -3.34 -3.88 -5.73
N CYS B 220 -4.17 -3.40 -6.65
CA CYS B 220 -3.65 -2.83 -7.87
C CYS B 220 -2.83 -1.58 -7.56
N ILE B 221 -3.29 -0.82 -6.58
CA ILE B 221 -2.58 0.39 -6.16
C ILE B 221 -1.21 -0.01 -5.62
N ASP B 222 -1.24 -1.00 -4.71
CA ASP B 222 -0.03 -1.52 -4.07
C ASP B 222 0.96 -2.08 -5.08
N LEU B 223 0.46 -2.58 -6.20
CA LEU B 223 1.34 -3.14 -7.21
C LEU B 223 1.80 -2.11 -8.24
N GLY B 224 1.49 -0.85 -7.98
CA GLY B 224 1.92 0.23 -8.88
C GLY B 224 0.91 0.85 -9.82
N TRP B 225 -0.35 0.44 -9.73
CA TRP B 225 -1.37 0.97 -10.61
C TRP B 225 -1.80 2.36 -10.14
N LYS B 226 -1.94 3.27 -11.10
CA LYS B 226 -2.33 4.65 -10.86
C LYS B 226 -3.85 4.84 -10.89
N PRO B 227 -4.46 5.06 -9.71
CA PRO B 227 -5.90 5.27 -9.53
C PRO B 227 -6.39 6.58 -10.12
N ARG B 228 -7.40 6.51 -10.98
CA ARG B 228 -7.94 7.71 -11.60
C ARG B 228 -9.20 8.22 -10.89
N TYR B 229 -9.43 7.71 -9.69
CA TYR B 229 -10.57 8.07 -8.83
C TYR B 229 -11.85 8.52 -9.53
N GLY B 230 -12.54 7.57 -10.14
CA GLY B 230 -13.79 7.83 -10.86
C GLY B 230 -14.81 6.74 -10.61
N ARG B 231 -16.00 6.91 -11.14
CA ARG B 231 -17.04 5.91 -10.93
C ARG B 231 -16.91 4.68 -11.83
N PHE B 232 -16.38 4.86 -13.03
CA PHE B 232 -16.26 3.74 -13.95
C PHE B 232 -14.86 3.56 -14.51
N ASP B 233 -13.87 3.48 -13.64
CA ASP B 233 -12.50 3.27 -14.11
C ASP B 233 -12.22 1.81 -14.21
N VAL B 234 -11.91 1.37 -15.43
CA VAL B 234 -11.62 -0.03 -15.69
C VAL B 234 -10.34 -0.47 -15.00
N LEU B 235 -10.46 -1.51 -14.18
CA LEU B 235 -9.34 -2.07 -13.44
C LEU B 235 -8.27 -2.68 -14.34
N PRO B 236 -7.03 -2.76 -13.83
CA PRO B 236 -5.94 -3.32 -14.63
C PRO B 236 -5.92 -4.85 -14.55
N LEU B 237 -5.30 -5.44 -15.55
CA LEU B 237 -5.17 -6.88 -15.61
C LEU B 237 -3.99 -7.30 -14.71
N VAL B 238 -4.25 -8.16 -13.74
CA VAL B 238 -3.21 -8.64 -12.84
C VAL B 238 -2.97 -10.12 -13.14
N LEU B 239 -1.91 -10.41 -13.90
CA LEU B 239 -1.59 -11.79 -14.26
C LEU B 239 -0.30 -12.38 -13.68
N GLN B 240 -0.36 -13.66 -13.34
CA GLN B 240 0.81 -14.36 -12.82
C GLN B 240 1.03 -15.58 -13.69
N ALA B 241 2.16 -15.57 -14.39
CA ALA B 241 2.49 -16.68 -15.28
C ALA B 241 3.50 -17.65 -14.65
N ASP B 242 3.52 -18.88 -15.18
CA ASP B 242 4.41 -19.95 -14.72
C ASP B 242 4.22 -20.15 -13.23
N GLY B 243 4.91 -19.33 -12.44
CA GLY B 243 4.77 -19.42 -11.00
C GLY B 243 5.12 -18.08 -10.41
N GLN B 244 5.73 -17.21 -11.23
CA GLN B 244 6.18 -15.87 -10.81
C GLN B 244 5.14 -14.93 -10.19
N ASP B 245 5.63 -13.85 -9.60
CA ASP B 245 4.76 -12.86 -8.99
C ASP B 245 3.95 -12.20 -10.09
N PRO B 246 2.73 -11.72 -9.75
CA PRO B 246 1.81 -11.06 -10.68
C PRO B 246 2.27 -9.71 -11.20
N GLU B 247 2.09 -9.52 -12.50
CA GLU B 247 2.42 -8.28 -13.18
C GLU B 247 1.14 -7.52 -13.56
N VAL B 248 1.21 -6.20 -13.49
CA VAL B 248 0.07 -5.35 -13.79
C VAL B 248 0.11 -4.76 -15.19
N PHE B 249 -0.99 -4.93 -15.93
CA PHE B 249 -1.13 -4.41 -17.30
C PHE B 249 -2.48 -3.70 -17.45
N GLU B 250 -2.48 -2.51 -18.03
CA GLU B 250 -3.73 -1.79 -18.24
C GLU B 250 -4.37 -2.24 -19.54
N ILE B 251 -5.67 -2.52 -19.49
CA ILE B 251 -6.40 -2.98 -20.66
C ILE B 251 -6.58 -1.84 -21.66
N PRO B 252 -6.12 -2.05 -22.92
CA PRO B 252 -6.25 -1.01 -23.94
C PRO B 252 -7.69 -0.51 -24.04
N PRO B 253 -7.90 0.78 -23.74
CA PRO B 253 -9.22 1.42 -23.78
C PRO B 253 -10.00 1.17 -25.05
N ASP B 254 -9.32 0.92 -26.16
CA ASP B 254 -10.05 0.67 -27.41
C ASP B 254 -10.70 -0.72 -27.42
N LEU B 255 -10.28 -1.58 -26.49
CA LEU B 255 -10.80 -2.93 -26.41
C LEU B 255 -11.98 -3.06 -25.49
N VAL B 256 -12.15 -2.09 -24.60
CA VAL B 256 -13.26 -2.11 -23.66
C VAL B 256 -14.49 -1.36 -24.17
N LEU B 257 -15.45 -2.11 -24.73
CA LEU B 257 -16.71 -1.55 -25.24
C LEU B 257 -17.65 -1.36 -24.08
N GLU B 258 -18.28 -0.18 -24.01
CA GLU B 258 -19.21 0.13 -22.95
C GLU B 258 -20.56 0.60 -23.48
N VAL B 259 -21.56 0.63 -22.61
CA VAL B 259 -22.90 1.06 -22.97
C VAL B 259 -23.37 2.16 -22.03
N THR B 260 -23.80 3.28 -22.62
CA THR B 260 -24.28 4.41 -21.83
C THR B 260 -25.76 4.20 -21.52
N MET B 261 -26.11 4.19 -20.24
CA MET B 261 -27.49 3.98 -19.82
C MET B 261 -28.45 5.15 -20.06
N GLU B 262 -29.50 4.88 -20.84
CA GLU B 262 -30.53 5.86 -21.11
C GLU B 262 -31.91 5.21 -21.25
N HIS B 263 -32.89 5.78 -20.56
CA HIS B 263 -34.25 5.27 -20.58
C HIS B 263 -35.02 5.74 -21.79
N PRO B 264 -35.86 4.87 -22.36
CA PRO B 264 -36.66 5.22 -23.54
C PRO B 264 -37.83 6.16 -23.30
N LYS B 265 -37.97 6.64 -22.07
CA LYS B 265 -39.03 7.57 -21.72
C LYS B 265 -38.53 8.63 -20.77
N TYR B 266 -37.64 8.23 -19.86
CA TYR B 266 -37.08 9.15 -18.87
C TYR B 266 -35.80 9.86 -19.34
N GLU B 267 -35.95 11.13 -19.73
CA GLU B 267 -34.81 11.92 -20.20
C GLU B 267 -33.76 12.07 -19.11
N TRP B 268 -34.21 12.15 -17.87
CA TRP B 268 -33.34 12.31 -16.72
C TRP B 268 -32.50 11.07 -16.41
N PHE B 269 -32.78 9.96 -17.09
CA PHE B 269 -32.01 8.75 -16.81
C PHE B 269 -30.59 8.89 -17.33
N GLN B 270 -30.44 9.57 -18.46
CA GLN B 270 -29.12 9.80 -19.04
C GLN B 270 -28.32 10.68 -18.10
N GLU B 271 -29.03 11.51 -17.37
CA GLU B 271 -28.43 12.43 -16.42
C GLU B 271 -27.82 11.71 -15.23
N LEU B 272 -28.06 10.42 -15.12
CA LEU B 272 -27.50 9.66 -14.02
C LEU B 272 -26.01 9.40 -14.25
N GLY B 273 -25.60 9.48 -15.52
CA GLY B 273 -24.21 9.27 -15.91
C GLY B 273 -23.74 7.83 -15.73
N LEU B 274 -24.69 6.91 -15.76
CA LEU B 274 -24.38 5.50 -15.61
C LEU B 274 -23.98 4.86 -16.93
N LYS B 275 -23.25 3.76 -16.81
CA LYS B 275 -22.81 2.97 -17.96
C LYS B 275 -22.23 1.64 -17.47
N TRP B 276 -22.01 0.70 -18.39
CA TRP B 276 -21.45 -0.58 -18.00
C TRP B 276 -20.77 -1.23 -19.18
N TYR B 277 -19.81 -2.11 -18.90
CA TYR B 277 -19.05 -2.83 -19.93
C TYR B 277 -19.91 -3.93 -20.56
N ALA B 278 -19.72 -4.14 -21.85
CA ALA B 278 -20.49 -5.10 -22.60
C ALA B 278 -20.05 -6.54 -22.47
N LEU B 279 -18.82 -6.72 -22.02
CA LEU B 279 -18.25 -8.06 -21.93
C LEU B 279 -18.20 -8.69 -20.53
N PRO B 280 -19.00 -9.75 -20.32
CA PRO B 280 -19.04 -10.47 -19.04
C PRO B 280 -18.05 -11.64 -19.15
N ALA B 281 -16.86 -11.45 -18.62
CA ALA B 281 -15.86 -12.49 -18.74
C ALA B 281 -15.30 -12.91 -17.39
N VAL B 282 -15.70 -14.09 -16.90
CA VAL B 282 -15.23 -14.60 -15.59
C VAL B 282 -13.77 -14.97 -15.76
N ALA B 283 -12.93 -14.46 -14.87
CA ALA B 283 -11.48 -14.67 -14.98
C ALA B 283 -10.75 -15.46 -13.90
N ASN B 284 -11.44 -15.86 -12.84
CA ASN B 284 -10.76 -16.57 -11.76
C ASN B 284 -11.15 -18.02 -11.47
N MET B 285 -11.74 -18.70 -12.43
CA MET B 285 -12.14 -20.07 -12.17
C MET B 285 -11.17 -21.12 -12.69
N LEU B 286 -11.28 -22.34 -12.17
CA LEU B 286 -10.40 -23.41 -12.58
C LEU B 286 -11.15 -24.48 -13.35
N LEU B 287 -10.64 -24.80 -14.54
CA LEU B 287 -11.25 -25.83 -15.36
C LEU B 287 -10.61 -27.17 -15.05
N GLU B 288 -11.38 -28.08 -14.47
CA GLU B 288 -10.87 -29.40 -14.20
C GLU B 288 -11.37 -30.30 -15.33
N VAL B 289 -10.53 -31.23 -15.78
CA VAL B 289 -10.89 -32.16 -16.85
C VAL B 289 -9.99 -33.39 -16.76
N GLY B 290 -10.61 -34.56 -16.69
CA GLY B 290 -9.90 -35.82 -16.61
C GLY B 290 -8.74 -35.82 -15.64
N GLY B 291 -8.94 -35.18 -14.48
CA GLY B 291 -7.90 -35.11 -13.48
C GLY B 291 -6.92 -33.98 -13.72
N LEU B 292 -6.97 -33.41 -14.91
CA LEU B 292 -6.10 -32.30 -15.22
C LEU B 292 -6.81 -31.02 -14.84
N GLU B 293 -6.06 -30.09 -14.24
CA GLU B 293 -6.65 -28.83 -13.84
C GLU B 293 -5.91 -27.61 -14.35
N PHE B 294 -6.68 -26.67 -14.91
CA PHE B 294 -6.13 -25.43 -15.46
C PHE B 294 -6.61 -24.27 -14.59
N PRO B 295 -5.73 -23.75 -13.73
CA PRO B 295 -6.07 -22.65 -12.83
C PRO B 295 -6.33 -21.32 -13.52
N ALA B 296 -6.06 -21.27 -14.81
CA ALA B 296 -6.29 -20.06 -15.57
C ALA B 296 -7.02 -20.36 -16.86
N CYS B 297 -8.25 -19.86 -16.98
CA CYS B 297 -9.05 -20.08 -18.18
C CYS B 297 -10.22 -19.11 -18.20
N PRO B 298 -9.94 -17.86 -18.59
CA PRO B 298 -11.02 -16.87 -18.64
C PRO B 298 -12.02 -17.17 -19.78
N PHE B 299 -13.31 -17.16 -19.43
CA PHE B 299 -14.38 -17.43 -20.39
C PHE B 299 -15.40 -16.30 -20.35
N ASN B 300 -16.25 -16.24 -21.38
CA ASN B 300 -17.27 -15.23 -21.46
C ASN B 300 -18.38 -15.65 -22.38
N GLY B 301 -19.54 -15.07 -22.10
CA GLY B 301 -20.73 -15.29 -22.91
C GLY B 301 -21.22 -13.87 -23.15
N TRP B 302 -22.50 -13.62 -22.87
CA TRP B 302 -23.04 -12.28 -23.04
C TRP B 302 -23.91 -12.01 -21.85
N TYR B 303 -24.13 -10.75 -21.56
CA TYR B 303 -24.91 -10.37 -20.40
C TYR B 303 -26.39 -10.69 -20.43
N MET B 304 -26.96 -10.79 -19.22
CA MET B 304 -28.39 -11.00 -19.04
C MET B 304 -28.87 -9.74 -18.29
N GLY B 305 -29.77 -8.97 -18.88
CA GLY B 305 -30.25 -7.73 -18.27
C GLY B 305 -30.20 -7.51 -16.75
N THR B 306 -30.90 -8.39 -16.04
CA THR B 306 -30.98 -8.30 -14.59
C THR B 306 -29.63 -8.25 -13.92
N GLU B 307 -28.61 -8.84 -14.54
CA GLU B 307 -27.28 -8.87 -13.94
C GLU B 307 -26.72 -7.46 -13.73
N ILE B 308 -26.84 -6.64 -14.76
CA ILE B 308 -26.38 -5.28 -14.67
C ILE B 308 -27.43 -4.46 -13.92
N GLY B 309 -28.65 -4.40 -14.46
CA GLY B 309 -29.68 -3.61 -13.81
C GLY B 309 -30.09 -3.93 -12.38
N VAL B 310 -30.08 -5.21 -12.02
CA VAL B 310 -30.52 -5.61 -10.68
C VAL B 310 -29.37 -5.81 -9.72
N ARG B 311 -28.32 -6.52 -10.15
CA ARG B 311 -27.19 -6.77 -9.26
C ARG B 311 -26.20 -5.64 -9.17
N ASP B 312 -25.50 -5.38 -10.26
CA ASP B 312 -24.49 -4.32 -10.34
C ASP B 312 -25.00 -2.92 -9.94
N PHE B 313 -26.16 -2.56 -10.48
CA PHE B 313 -26.78 -1.27 -10.21
C PHE B 313 -27.56 -1.16 -8.91
N CYS B 314 -28.30 -2.20 -8.56
CA CYS B 314 -29.14 -2.10 -7.36
C CYS B 314 -28.74 -2.71 -6.04
N ASP B 315 -27.69 -3.52 -6.03
CA ASP B 315 -27.23 -4.10 -4.77
C ASP B 315 -26.63 -3.00 -3.90
N THR B 316 -26.98 -2.98 -2.63
CA THR B 316 -26.46 -1.96 -1.71
C THR B 316 -24.94 -2.01 -1.56
N GLN B 317 -24.37 -3.17 -1.84
CA GLN B 317 -22.94 -3.39 -1.76
C GLN B 317 -22.22 -3.02 -3.06
N ARG B 318 -22.98 -2.72 -4.11
CA ARG B 318 -22.38 -2.37 -5.40
C ARG B 318 -22.54 -0.87 -5.65
N TYR B 319 -23.15 -0.53 -6.78
CA TYR B 319 -23.36 0.87 -7.14
C TYR B 319 -24.57 1.52 -6.50
N ASN B 320 -25.43 0.69 -5.89
CA ASN B 320 -26.64 1.11 -5.20
C ASN B 320 -27.30 2.37 -5.79
N ILE B 321 -28.05 2.22 -6.87
CA ILE B 321 -28.68 3.39 -7.48
C ILE B 321 -30.18 3.37 -7.32
N LEU B 322 -30.71 2.42 -6.57
CA LEU B 322 -32.15 2.28 -6.40
C LEU B 322 -32.85 3.46 -5.79
N GLU B 323 -32.43 3.81 -4.58
CA GLU B 323 -33.01 4.94 -3.84
C GLU B 323 -33.05 6.23 -4.69
N GLU B 324 -31.93 6.54 -5.34
CA GLU B 324 -31.81 7.73 -6.19
C GLU B 324 -32.82 7.69 -7.33
N VAL B 325 -32.90 6.53 -8.01
CA VAL B 325 -33.83 6.33 -9.11
C VAL B 325 -35.29 6.40 -8.61
N GLY B 326 -35.49 6.02 -7.36
CA GLY B 326 -36.83 6.08 -6.81
C GLY B 326 -37.39 7.50 -6.74
N ARG B 327 -36.56 8.44 -6.28
CA ARG B 327 -36.98 9.85 -6.14
C ARG B 327 -37.28 10.48 -7.48
N ARG B 328 -36.34 10.32 -8.42
CA ARG B 328 -36.47 10.88 -9.76
C ARG B 328 -37.76 10.45 -10.46
N MET B 329 -38.41 9.43 -9.90
CA MET B 329 -39.65 8.91 -10.42
C MET B 329 -40.87 9.45 -9.63
N GLY B 330 -40.56 10.14 -8.51
CA GLY B 330 -41.57 10.72 -7.64
C GLY B 330 -42.35 9.67 -6.88
N LEU B 331 -41.66 8.68 -6.33
CA LEU B 331 -42.33 7.59 -5.61
C LEU B 331 -42.13 7.76 -4.13
N GLU B 332 -43.01 7.15 -3.34
CA GLU B 332 -42.96 7.22 -1.88
C GLU B 332 -41.76 6.46 -1.31
N THR B 333 -40.57 6.92 -1.67
CA THR B 333 -39.31 6.31 -1.26
C THR B 333 -39.20 6.02 0.24
N HIS B 334 -40.01 6.71 1.04
CA HIS B 334 -39.99 6.54 2.49
C HIS B 334 -40.91 5.45 3.05
N THR B 335 -42.03 5.21 2.37
CA THR B 335 -42.96 4.16 2.80
C THR B 335 -42.72 2.94 1.93
N LEU B 336 -42.09 1.95 2.55
CA LEU B 336 -41.72 0.71 1.89
C LEU B 336 -42.87 -0.05 1.23
N ALA B 337 -44.04 0.00 1.86
CA ALA B 337 -45.20 -0.70 1.33
C ALA B 337 -45.72 -0.19 -0.01
N SER B 338 -45.19 0.94 -0.47
CA SER B 338 -45.64 1.53 -1.73
C SER B 338 -45.10 0.77 -2.94
N LEU B 339 -44.26 -0.24 -2.69
CA LEU B 339 -43.62 -1.05 -3.74
C LEU B 339 -42.77 -0.25 -4.73
N TRP B 340 -42.32 0.93 -4.29
CA TRP B 340 -41.52 1.83 -5.11
C TRP B 340 -40.27 1.13 -5.60
N LYS B 341 -39.72 0.26 -4.75
CA LYS B 341 -38.54 -0.50 -5.11
C LYS B 341 -38.76 -1.40 -6.32
N ASP B 342 -39.92 -2.06 -6.36
CA ASP B 342 -40.31 -2.96 -7.45
C ASP B 342 -40.45 -2.11 -8.71
N ARG B 343 -41.15 -1.00 -8.58
CA ARG B 343 -41.40 -0.10 -9.68
C ARG B 343 -40.08 0.47 -10.27
N ALA B 344 -39.17 0.86 -9.38
CA ALA B 344 -37.89 1.44 -9.77
C ALA B 344 -36.99 0.47 -10.53
N VAL B 345 -36.60 -0.61 -9.87
CA VAL B 345 -35.72 -1.62 -10.47
C VAL B 345 -36.16 -2.04 -11.88
N THR B 346 -37.48 -2.18 -12.09
CA THR B 346 -37.99 -2.55 -13.40
C THR B 346 -37.59 -1.50 -14.43
N GLU B 347 -37.69 -0.22 -14.05
CA GLU B 347 -37.32 0.86 -14.96
C GLU B 347 -35.82 0.84 -15.23
N ILE B 348 -35.04 0.45 -14.23
CA ILE B 348 -33.60 0.37 -14.41
C ILE B 348 -33.32 -0.79 -15.40
N ASN B 349 -34.08 -1.87 -15.26
CA ASN B 349 -33.93 -3.00 -16.15
C ASN B 349 -34.27 -2.65 -17.58
N VAL B 350 -35.31 -1.84 -17.77
CA VAL B 350 -35.66 -1.48 -19.14
C VAL B 350 -34.59 -0.61 -19.75
N ALA B 351 -33.95 0.23 -18.93
CA ALA B 351 -32.90 1.11 -19.40
C ALA B 351 -31.71 0.27 -19.89
N VAL B 352 -31.29 -0.68 -19.06
CA VAL B 352 -30.18 -1.56 -19.37
C VAL B 352 -30.48 -2.26 -20.69
N LEU B 353 -31.65 -2.88 -20.73
CA LEU B 353 -32.09 -3.61 -21.91
C LEU B 353 -32.16 -2.75 -23.16
N HIS B 354 -32.85 -1.60 -23.03
CA HIS B 354 -33.01 -0.64 -24.10
C HIS B 354 -31.64 -0.16 -24.62
N SER B 355 -30.81 0.38 -23.72
CA SER B 355 -29.47 0.86 -24.05
C SER B 355 -28.62 -0.14 -24.84
N PHE B 356 -28.59 -1.37 -24.38
CA PHE B 356 -27.82 -2.37 -25.09
C PHE B 356 -28.41 -2.60 -26.48
N GLN B 357 -29.73 -2.60 -26.60
CA GLN B 357 -30.37 -2.83 -27.89
C GLN B 357 -30.12 -1.68 -28.85
N LYS B 358 -30.15 -0.48 -28.29
CA LYS B 358 -29.96 0.75 -29.05
C LYS B 358 -28.56 0.87 -29.54
N GLN B 359 -27.59 0.51 -28.71
CA GLN B 359 -26.18 0.60 -29.09
C GLN B 359 -25.64 -0.66 -29.74
N ASN B 360 -26.56 -1.45 -30.28
CA ASN B 360 -26.25 -2.70 -30.96
C ASN B 360 -25.33 -3.70 -30.29
N VAL B 361 -25.48 -3.86 -28.97
CA VAL B 361 -24.68 -4.79 -28.17
C VAL B 361 -25.56 -5.93 -27.66
N THR B 362 -25.12 -7.16 -27.89
CA THR B 362 -25.86 -8.36 -27.48
C THR B 362 -26.18 -8.35 -26.01
N ILE B 363 -27.37 -8.85 -25.69
CA ILE B 363 -27.87 -8.95 -24.31
C ILE B 363 -29.23 -9.64 -24.37
N MET B 364 -29.55 -10.42 -23.35
CA MET B 364 -30.81 -11.15 -23.28
C MET B 364 -31.53 -10.87 -21.98
N ASP B 365 -32.83 -10.63 -22.06
CA ASP B 365 -33.61 -10.36 -20.86
C ASP B 365 -33.78 -11.66 -20.11
N HIS B 366 -34.05 -11.54 -18.81
CA HIS B 366 -34.17 -12.71 -17.94
C HIS B 366 -35.29 -13.66 -18.30
N HIS B 367 -36.38 -13.13 -18.80
CA HIS B 367 -37.48 -14.00 -19.23
C HIS B 367 -37.08 -14.91 -20.39
N THR B 368 -36.63 -14.32 -21.50
CA THR B 368 -36.23 -15.09 -22.68
C THR B 368 -35.17 -16.15 -22.32
N ALA B 369 -34.28 -15.75 -21.41
CA ALA B 369 -33.18 -16.58 -20.93
C ALA B 369 -33.70 -17.78 -20.18
N SER B 370 -34.68 -17.51 -19.32
CA SER B 370 -35.27 -18.56 -18.52
C SER B 370 -35.87 -19.59 -19.43
N GLU B 371 -36.68 -19.12 -20.37
CA GLU B 371 -37.33 -20.01 -21.31
C GLU B 371 -36.31 -20.81 -22.09
N SER B 372 -35.19 -20.19 -22.46
CA SER B 372 -34.16 -20.89 -23.21
C SER B 372 -33.50 -21.98 -22.37
N PHE B 373 -33.39 -21.74 -21.06
CA PHE B 373 -32.77 -22.73 -20.19
C PHE B 373 -33.69 -23.92 -20.02
N MET B 374 -34.98 -23.65 -19.90
CA MET B 374 -36.00 -24.68 -19.75
C MET B 374 -35.92 -25.57 -20.98
N LYS B 375 -35.78 -24.94 -22.14
CA LYS B 375 -35.66 -25.65 -23.40
C LYS B 375 -34.40 -26.53 -23.35
N HIS B 376 -33.30 -25.95 -22.87
CA HIS B 376 -32.04 -26.68 -22.79
C HIS B 376 -32.16 -27.88 -21.86
N MET B 377 -32.79 -27.68 -20.71
CA MET B 377 -32.97 -28.75 -19.74
C MET B 377 -33.64 -29.97 -20.36
N GLN B 378 -34.76 -29.74 -21.03
CA GLN B 378 -35.48 -30.82 -21.67
C GLN B 378 -34.57 -31.54 -22.64
N ASN B 379 -33.86 -30.77 -23.46
CA ASN B 379 -32.94 -31.35 -24.43
C ASN B 379 -31.89 -32.17 -23.71
N GLU B 380 -31.48 -31.69 -22.55
CA GLU B 380 -30.47 -32.34 -21.74
C GLU B 380 -30.96 -33.65 -21.09
N TYR B 381 -32.20 -33.65 -20.61
CA TYR B 381 -32.76 -34.84 -19.99
C TYR B 381 -33.03 -35.95 -21.02
N ARG B 382 -33.11 -35.57 -22.29
CA ARG B 382 -33.33 -36.52 -23.37
C ARG B 382 -31.96 -37.08 -23.77
N ALA B 383 -31.11 -36.18 -24.24
CA ALA B 383 -29.77 -36.56 -24.69
C ALA B 383 -28.99 -37.41 -23.68
N ARG B 384 -28.95 -36.99 -22.41
CA ARG B 384 -28.22 -37.77 -21.41
C ARG B 384 -28.92 -37.91 -20.07
N GLY B 385 -30.23 -37.73 -20.06
CA GLY B 385 -30.99 -37.85 -18.83
C GLY B 385 -30.44 -37.17 -17.59
N GLY B 386 -30.40 -35.84 -17.59
CA GLY B 386 -29.89 -35.11 -16.44
C GLY B 386 -29.29 -33.76 -16.79
N CYS B 387 -29.39 -32.84 -15.85
CA CYS B 387 -28.89 -31.49 -16.00
C CYS B 387 -28.64 -30.88 -14.63
N PRO B 388 -27.36 -30.78 -14.22
CA PRO B 388 -27.00 -30.21 -12.91
C PRO B 388 -27.48 -28.76 -12.83
N ALA B 389 -28.35 -28.47 -11.87
CA ALA B 389 -28.89 -27.12 -11.76
C ALA B 389 -29.00 -26.60 -10.34
N ASP B 390 -28.48 -25.39 -10.14
CA ASP B 390 -28.53 -24.75 -8.83
C ASP B 390 -29.68 -23.74 -8.89
N TRP B 391 -30.86 -24.20 -8.48
CA TRP B 391 -32.05 -23.36 -8.49
C TRP B 391 -31.77 -21.93 -8.02
N ILE B 392 -31.16 -21.82 -6.85
CA ILE B 392 -30.83 -20.54 -6.25
C ILE B 392 -30.19 -19.55 -7.22
N TRP B 393 -29.28 -20.04 -8.04
CA TRP B 393 -28.59 -19.21 -9.01
C TRP B 393 -29.33 -19.03 -10.34
N LEU B 394 -30.05 -20.05 -10.78
CA LEU B 394 -30.75 -19.98 -12.05
C LEU B 394 -31.94 -19.03 -12.06
N VAL B 395 -32.72 -19.02 -10.98
CA VAL B 395 -33.88 -18.15 -10.90
C VAL B 395 -33.39 -16.71 -10.86
N PRO B 396 -33.83 -15.88 -11.81
CA PRO B 396 -33.48 -14.46 -11.94
C PRO B 396 -33.68 -13.72 -10.63
N PRO B 397 -32.80 -12.75 -10.32
CA PRO B 397 -32.85 -11.92 -9.10
C PRO B 397 -34.03 -10.96 -9.02
N VAL B 398 -34.99 -11.18 -9.90
CA VAL B 398 -36.18 -10.34 -9.92
C VAL B 398 -37.25 -11.09 -10.69
N SER B 399 -38.52 -10.87 -10.36
CA SER B 399 -39.64 -11.55 -11.04
C SER B 399 -39.54 -13.08 -10.95
N GLY B 400 -39.11 -13.58 -9.80
CA GLY B 400 -38.93 -15.00 -9.59
C GLY B 400 -39.97 -15.95 -10.15
N SER B 401 -41.10 -16.08 -9.46
CA SER B 401 -42.15 -17.01 -9.88
C SER B 401 -42.75 -16.69 -11.23
N ILE B 402 -42.54 -15.45 -11.71
CA ILE B 402 -43.05 -15.05 -13.02
C ILE B 402 -42.17 -15.76 -14.08
N THR B 403 -41.16 -16.46 -13.59
CA THR B 403 -40.21 -17.19 -14.42
C THR B 403 -40.47 -18.70 -14.34
N PRO B 404 -40.24 -19.43 -15.44
CA PRO B 404 -40.43 -20.88 -15.55
C PRO B 404 -39.53 -21.71 -14.61
N VAL B 405 -38.24 -21.42 -14.61
CA VAL B 405 -37.28 -22.16 -13.76
C VAL B 405 -37.64 -22.16 -12.29
N PHE B 406 -38.38 -21.14 -11.88
CA PHE B 406 -38.79 -21.04 -10.48
C PHE B 406 -39.66 -22.22 -10.10
N HIS B 407 -40.48 -22.68 -11.04
CA HIS B 407 -41.38 -23.78 -10.79
C HIS B 407 -40.85 -25.14 -11.22
N GLN B 408 -39.54 -25.21 -11.43
CA GLN B 408 -38.93 -26.45 -11.87
C GLN B 408 -37.96 -27.02 -10.84
N GLU B 409 -38.30 -28.20 -10.35
CA GLU B 409 -37.44 -28.85 -9.39
C GLU B 409 -36.15 -29.19 -10.14
N MET B 410 -35.03 -29.22 -9.42
CA MET B 410 -33.76 -29.52 -10.05
C MET B 410 -32.73 -30.08 -9.09
N LEU B 411 -31.81 -30.87 -9.62
CA LEU B 411 -30.77 -31.50 -8.82
C LEU B 411 -29.45 -30.85 -9.13
N ASN B 412 -28.72 -30.48 -8.07
CA ASN B 412 -27.44 -29.84 -8.24
C ASN B 412 -26.34 -30.85 -7.88
N TYR B 413 -25.54 -31.25 -8.87
CA TYR B 413 -24.46 -32.22 -8.66
C TYR B 413 -23.22 -31.85 -9.46
N VAL B 414 -22.05 -32.11 -8.90
CA VAL B 414 -20.80 -31.81 -9.59
C VAL B 414 -20.35 -32.91 -10.57
N LEU B 415 -20.41 -32.62 -11.88
CA LEU B 415 -19.94 -33.60 -12.88
C LEU B 415 -18.52 -33.23 -13.29
N SER B 416 -18.05 -33.85 -14.36
CA SER B 416 -16.72 -33.56 -14.83
C SER B 416 -16.62 -33.75 -16.34
N PRO B 417 -15.89 -32.85 -17.02
CA PRO B 417 -15.15 -31.69 -16.52
C PRO B 417 -16.01 -30.64 -15.82
N PHE B 418 -15.38 -29.78 -15.03
CA PHE B 418 -16.10 -28.81 -14.24
C PHE B 418 -15.36 -27.47 -14.10
N TYR B 419 -16.12 -26.43 -13.81
CA TYR B 419 -15.57 -25.10 -13.60
C TYR B 419 -15.70 -24.76 -12.13
N TYR B 420 -14.63 -24.97 -11.36
CA TYR B 420 -14.62 -24.70 -9.91
C TYR B 420 -14.11 -23.31 -9.60
N TYR B 421 -14.37 -22.85 -8.38
CA TYR B 421 -13.86 -21.55 -7.93
C TYR B 421 -12.48 -21.90 -7.38
N GLN B 422 -11.82 -20.94 -6.75
CA GLN B 422 -10.53 -21.19 -6.15
C GLN B 422 -10.16 -20.08 -5.19
N ILE B 423 -9.43 -20.44 -4.14
CA ILE B 423 -9.01 -19.48 -3.14
C ILE B 423 -8.31 -18.28 -3.75
N GLU B 424 -8.78 -17.08 -3.38
CA GLU B 424 -8.21 -15.83 -3.90
C GLU B 424 -6.70 -15.83 -3.72
N PRO B 425 -5.95 -15.93 -4.83
CA PRO B 425 -4.48 -15.98 -4.93
C PRO B 425 -3.68 -15.03 -4.03
N TRP B 426 -4.03 -13.75 -3.99
CA TRP B 426 -3.31 -12.79 -3.16
C TRP B 426 -3.07 -13.25 -1.71
N LYS B 427 -3.86 -14.21 -1.27
CA LYS B 427 -3.75 -14.76 0.08
C LYS B 427 -2.69 -15.87 0.09
N THR B 428 -3.04 -17.00 -0.51
CA THR B 428 -2.15 -18.14 -0.59
C THR B 428 -1.14 -18.02 -1.75
N HIS B 429 -0.20 -17.09 -1.59
CA HIS B 429 0.83 -16.85 -2.61
C HIS B 429 2.08 -16.32 -1.93
N ILE B 430 3.18 -17.04 -2.10
CA ILE B 430 4.46 -16.63 -1.50
C ILE B 430 5.31 -15.84 -2.49
N TRP B 431 5.49 -14.55 -2.21
CA TRP B 431 6.28 -13.68 -3.09
C TRP B 431 7.79 -13.90 -2.97
CHA HEM C . 21.12 20.43 13.61
CHB HEM C . 19.19 24.26 15.85
CHC HEM C . 19.37 21.83 19.99
CHD HEM C . 21.61 18.13 17.84
C1A HEM C . 20.58 21.66 13.84
C2A HEM C . 20.25 22.61 12.76
C3A HEM C . 19.75 23.71 13.42
C4A HEM C . 19.70 23.39 14.86
CMA HEM C . 19.32 25.02 12.77
CAA HEM C . 20.19 22.37 11.25
CBA HEM C . 18.87 21.63 10.98
CGA HEM C . 18.46 21.61 9.51
O1A HEM C . 18.11 20.53 9.00
O2A HEM C . 18.48 22.68 8.86
C1B HEM C . 19.13 23.95 17.21
C2B HEM C . 18.62 24.80 18.22
C3B HEM C . 18.67 24.15 19.38
C4B HEM C . 19.24 22.86 19.10
CMB HEM C . 18.24 26.25 18.04
CAB HEM C . 18.15 24.64 20.55
CBB HEM C . 18.39 24.21 21.84
C1C HEM C . 19.92 20.58 19.75
C2C HEM C . 20.05 19.49 20.74
C3C HEM C . 20.78 18.45 20.12
C4C HEM C . 21.04 18.93 18.80
CMC HEM C . 19.43 19.48 22.14
CAC HEM C . 21.17 17.16 20.53
CBC HEM C . 20.99 16.67 21.80
C1D HEM C . 21.72 18.44 16.46
C2D HEM C . 22.20 17.55 15.42
C3D HEM C . 21.99 18.20 14.26
C4D HEM C . 21.44 19.48 14.54
CMD HEM C . 22.89 16.19 15.55
CAD HEM C . 22.18 17.65 12.88
CBD HEM C . 20.91 17.10 12.27
CGD HEM C . 21.09 16.73 10.80
O1D HEM C . 20.07 16.59 10.08
O2D HEM C . 22.25 16.60 10.37
NA HEM C . 20.24 22.13 15.09
NB HEM C . 19.55 22.75 17.78
NC HEM C . 20.51 20.20 18.57
ND HEM C . 21.26 19.62 15.88
FE HEM C . 20.77 21.32 16.89
N1 H4B D . 21.74 23.69 5.80
C2 H4B D . 20.88 23.27 6.72
N2 H4B D . 20.88 23.83 7.92
N3 H4B D . 19.97 22.32 6.44
C4 H4B D . 19.91 21.78 5.22
O4 H4B D . 19.01 20.99 4.89
C4A H4B D . 20.89 22.11 4.26
C8A H4B D . 21.87 23.04 4.65
N5 H4B D . 20.89 21.57 3.05
N8 H4B D . 22.92 23.27 3.86
C6 H4B D . 21.84 21.93 2.19
C7 H4B D . 22.88 22.80 2.55
C9 H4B D . 21.77 21.26 0.83
O9 H4B D . 20.69 21.72 0.01
C10 H4B D . 23.09 21.43 0.07
C11 H4B D . 22.96 20.87 -1.34
O10 H4B D . 24.11 20.70 0.77
N1 7NI E . 16.00 22.28 17.61
N1 7NI E . 15.77 23.55 15.93
N2 7NI E . 16.21 21.34 18.55
N2 7NI E . 15.62 24.26 14.79
C3 7NI E . 16.76 20.24 18.00
C3 7NI E . 16.03 23.57 13.71
C4 7NI E . 17.44 19.78 15.40
C4 7NI E . 17.03 21.14 13.68
C5 7NI E . 17.40 20.45 14.04
C5 7NI E . 17.38 20.03 14.47
C6 7NI E . 16.89 21.73 13.96
C6 7NI E . 17.18 20.07 15.85
C7 7NI E . 16.41 22.39 15.11
C7 7NI E . 16.64 21.23 16.43
C8 7NI E . 16.41 21.84 16.35
C8 7NI E . 16.30 22.30 15.67
C9 7NI E . 16.90 20.54 16.59
C9 7NI E . 16.49 22.28 14.25
N10 7NI E . 15.90 23.70 14.91
N10 7NI E . 16.45 21.23 17.85
O11 7NI E . 15.92 24.16 13.77
O11 7NI E . 16.77 20.21 18.46
O12 7NI E . 15.51 24.25 15.91
O12 7NI E . 15.97 22.27 18.34
CHA HEM F . -22.92 -18.18 -14.40
CHB HEM F . -25.37 -16.23 -18.03
CHC HEM F . -22.19 -18.06 -21.00
CHD HEM F . -20.03 -20.44 -17.43
C1A HEM F . -23.80 -17.37 -15.10
C2A HEM F . -24.84 -16.51 -14.50
C3A HEM F . -25.54 -16.06 -15.52
C4A HEM F . -24.95 -16.59 -16.74
CMA HEM F . -26.70 -15.10 -15.46
CAA HEM F . -25.00 -15.98 -13.07
CBA HEM F . -23.65 -15.40 -12.61
CGA HEM F . -23.75 -14.49 -11.37
O1A HEM F . -22.91 -13.58 -11.21
O2A HEM F . -24.68 -14.70 -10.57
C1B HEM F . -24.74 -16.63 -19.19
C2B HEM F . -25.18 -16.20 -20.51
C3B HEM F . -24.27 -16.73 -21.37
C4B HEM F . -23.29 -17.43 -20.55
CMB HEM F . -26.41 -15.34 -20.84
CAB HEM F . -24.39 -16.55 -22.75
CBB HEM F . -23.85 -17.35 -23.76
C1C HEM F . -21.27 -18.83 -20.31
C2C HEM F . -20.04 -19.42 -20.87
C3C HEM F . -19.44 -20.16 -19.86
C4C HEM F . -20.32 -19.97 -18.70
CMC HEM F . -19.60 -19.27 -22.34
CAC HEM F . -18.36 -21.04 -19.86
CBC HEM F . -17.67 -21.41 -21.01
C1D HEM F . -20.71 -20.16 -16.28
C2D HEM F . -20.25 -20.44 -14.97
C3D HEM F . -21.03 -19.79 -14.11
C4D HEM F . -22.01 -19.10 -14.88
CMD HEM F . -19.13 -21.29 -14.53
CAD HEM F . -20.79 -19.67 -12.62
CBD HEM F . -20.01 -18.38 -12.34
CGD HEM F . -19.95 -18.04 -10.86
O1D HEM F . -19.48 -16.94 -10.51
O2D HEM F . -20.38 -18.88 -10.03
NA HEM F . -23.88 -17.38 -16.45
NB HEM F . -23.61 -17.39 -19.24
NC HEM F . -21.39 -19.16 -18.99
ND HEM F . -21.80 -19.36 -16.20
FE HEM F . -22.93 -18.63 -17.74
N1 H4B G . -27.89 -16.19 -7.75
C2 H4B G . -27.28 -15.45 -8.68
N2 H4B G . -27.78 -15.42 -9.92
N3 H4B G . -26.20 -14.72 -8.40
C4 H4B G . -25.69 -14.70 -7.17
O4 H4B G . -24.59 -14.19 -6.92
C4A H4B G . -26.43 -15.28 -6.11
C8A H4B G . -27.57 -16.04 -6.46
N5 H4B G . -26.08 -15.10 -4.84
N8 H4B G . -28.32 -16.59 -5.51
C6 H4B G . -26.89 -15.57 -3.89
C7 H4B G . -28.03 -16.33 -4.19
C9 H4B G . -26.41 -15.33 -2.45
O9 H4B G . -26.50 -13.98 -1.98
C10 H4B G . -27.13 -16.29 -1.47
C11 H4B G . -26.66 -16.03 -0.05
O10 H4B G . -26.82 -17.64 -1.81
N1 7NI H . -22.29 -14.29 -19.30
N1 7NI H . -23.77 -13.05 -18.38
N2 7NI H . -21.32 -15.07 -19.84
N2 7NI H . -24.70 -12.30 -17.73
C3 7NI H . -20.55 -15.60 -18.88
C3 7NI H . -24.58 -12.38 -16.39
C4 7NI H . -20.74 -15.30 -16.17
C4 7NI H . -22.81 -13.78 -15.06
C5 7NI H . -21.58 -14.59 -15.13
C5 7NI H . -21.71 -14.66 -15.19
C6 7NI H . -22.64 -13.81 -15.54
C6 7NI H . -21.25 -15.05 -16.46
C7 7NI H . -22.95 -13.66 -16.90
C7 7NI H . -21.88 -14.56 -17.60
C8 7NI H . -22.21 -14.27 -17.92
C8 7NI H . -22.95 -13.71 -17.50
C9 7NI H . -21.11 -15.11 -17.63
C9 7NI H . -23.44 -13.29 -16.20
N10 7NI H . -24.07 -12.82 -17.20
N10 7NI H . -21.34 -15.01 -18.90
O11 7NI H . -24.67 -12.31 -16.25
O11 7NI H . -20.37 -15.77 -18.86
O12 7NI H . -24.32 -12.68 -18.38
O12 7NI H . -21.89 -14.57 -19.93
#